data_4HWR
#
_entry.id   4HWR
#
_cell.length_a   156.899
_cell.length_b   109.777
_cell.length_c   86.995
_cell.angle_alpha   90.000
_cell.angle_beta   123.760
_cell.angle_gamma   90.000
#
_symmetry.space_group_name_H-M   'C 1 2 1'
#
loop_
_entity.id
_entity.type
_entity.pdbx_description
1 polymer 'Threonine--tRNA ligase'
2 non-polymer 'ZINC ION'
3 non-polymer N-{[3-(2H-indazol-5-yl)phenyl]sulfonyl}-L-threoninamide
4 water water
#
_entity_poly.entity_id   1
_entity_poly.type   'polypeptide(L)'
_entity_poly.pdbx_seq_one_letter_code
;MARDHRKIGKQLDLYHMQEEAPGMVFWHNDGWTIFRELEVFVRSKLKEYQYQEVKGPFMMDRVLWEKTGHWDNYKDAMFT
TSSENREYCIKPMNCPGHVQIFNQGLKSYRDLPLRMAEFGSCHRNEPSGSLHGLMRVRGFTQDDAHIFCTEEQIRDEVNG
CIRLVYDMYSTFGFEKIVVKLSTRPEKRIGSDEMWDRAEADLAVALEENNIPFEYQLGEGAFYGPKIEFTLYDCLDRAWQ
CGTVQLDFSLPSRLSASYVGEDNERKVPVMIHRAILGSMERFIGILTEEFAGFFPTWLAPVQVVIMNITDSQSEYVNELT
QKLSNAGIRVKADLRNEKIGFKIREHTLRRVPYMLVCGDKEVESGKVAVRTRRGKDLGSMDVNEVIEKLQQEIRSRSLKQ
LEELEHHHHHH
;
_entity_poly.pdbx_strand_id   A,B
#
loop_
_chem_comp.id
_chem_comp.type
_chem_comp.name
_chem_comp.formula
1B2 non-polymer N-{[3-(2H-indazol-5-yl)phenyl]sulfonyl}-L-threoninamide 'C17 H18 N4 O4 S'
ZN non-polymer 'ZINC ION' 'Zn 2'
#
# COMPACT_ATOMS: atom_id res chain seq x y z
N ALA A 2 -8.87 3.73 -31.72
CA ALA A 2 -7.50 3.35 -31.26
C ALA A 2 -7.74 2.59 -29.95
N ARG A 3 -6.86 1.62 -29.60
CA ARG A 3 -6.96 1.01 -28.24
C ARG A 3 -7.05 2.06 -27.16
N ASP A 4 -8.04 1.92 -26.26
CA ASP A 4 -8.36 2.96 -25.27
C ASP A 4 -8.56 2.36 -23.85
N HIS A 5 -7.64 2.65 -22.94
CA HIS A 5 -7.72 2.09 -21.58
C HIS A 5 -8.97 2.49 -20.84
N ARG A 6 -9.58 3.61 -21.22
CA ARG A 6 -10.80 4.14 -20.59
C ARG A 6 -12.01 3.28 -20.95
N LYS A 7 -12.00 2.76 -22.20
CA LYS A 7 -13.01 1.79 -22.66
C LYS A 7 -12.73 0.38 -22.18
N ILE A 8 -11.48 -0.08 -22.26
CA ILE A 8 -11.15 -1.42 -21.77
C ILE A 8 -11.42 -1.48 -20.27
N GLY A 9 -11.08 -0.40 -19.55
CA GLY A 9 -11.23 -0.33 -18.10
C GLY A 9 -12.67 -0.34 -17.63
N LYS A 10 -13.56 0.29 -18.38
CA LYS A 10 -15.01 0.11 -18.10
C LYS A 10 -15.54 -1.30 -18.43
N GLN A 11 -15.14 -1.85 -19.59
CA GLN A 11 -15.45 -3.24 -19.94
C GLN A 11 -15.05 -4.25 -18.87
N LEU A 12 -13.86 -4.07 -18.29
CA LEU A 12 -13.30 -5.02 -17.35
C LEU A 12 -13.54 -4.56 -15.93
N ASP A 13 -14.32 -3.51 -15.75
CA ASP A 13 -14.66 -3.00 -14.40
C ASP A 13 -13.38 -2.72 -13.58
N LEU A 14 -12.45 -1.94 -14.14
CA LEU A 14 -11.18 -1.68 -13.40
C LEU A 14 -11.19 -0.43 -12.49
N TYR A 15 -11.79 0.64 -13.00
CA TYR A 15 -11.74 1.94 -12.36
C TYR A 15 -12.80 2.84 -13.01
N HIS A 16 -13.11 3.98 -12.41
CA HIS A 16 -13.81 5.07 -13.13
C HIS A 16 -13.28 6.43 -12.75
N MET A 17 -13.67 7.47 -13.50
CA MET A 17 -13.44 8.89 -13.11
C MET A 17 -14.77 9.67 -13.02
N GLN A 18 -14.83 10.72 -12.20
CA GLN A 18 -16.01 11.61 -12.19
C GLN A 18 -15.56 13.03 -12.07
N GLU A 19 -16.41 13.93 -12.53
CA GLU A 19 -16.10 15.36 -12.49
C GLU A 19 -16.08 15.90 -11.03
N GLU A 20 -16.59 15.12 -10.09
CA GLU A 20 -16.44 15.47 -8.67
C GLU A 20 -15.02 15.41 -8.18
N ALA A 21 -14.11 14.75 -8.92
CA ALA A 21 -12.68 14.58 -8.49
C ALA A 21 -11.75 14.57 -9.70
N PRO A 22 -11.55 15.74 -10.33
CA PRO A 22 -10.91 15.70 -11.64
C PRO A 22 -9.48 15.15 -11.60
N GLY A 23 -9.19 14.22 -12.50
CA GLY A 23 -7.84 13.65 -12.56
C GLY A 23 -7.47 12.81 -11.32
N MET A 24 -8.49 12.24 -10.68
CA MET A 24 -8.22 11.40 -9.51
C MET A 24 -8.99 10.11 -9.63
N VAL A 25 -8.29 8.98 -9.52
CA VAL A 25 -8.88 7.69 -9.89
C VAL A 25 -9.69 7.03 -8.78
N PHE A 26 -10.92 6.54 -9.09
CA PHE A 26 -11.65 5.59 -8.25
C PHE A 26 -11.27 4.15 -8.69
N TRP A 27 -10.44 3.46 -7.92
CA TRP A 27 -9.99 2.11 -8.26
C TRP A 27 -10.99 1.12 -7.77
N HIS A 28 -11.62 0.41 -8.72
CA HIS A 28 -12.61 -0.62 -8.39
C HIS A 28 -11.83 -1.81 -7.95
N ASN A 29 -12.48 -2.83 -7.37
CA ASN A 29 -11.74 -4.05 -6.89
C ASN A 29 -10.68 -4.59 -7.86
N ASP A 30 -11.11 -4.84 -9.09
CA ASP A 30 -10.29 -5.53 -10.06
C ASP A 30 -9.14 -4.64 -10.55
N GLY A 31 -9.38 -3.33 -10.70
CA GLY A 31 -8.25 -2.43 -11.04
C GLY A 31 -7.22 -2.33 -9.93
N TRP A 32 -7.71 -2.22 -8.69
CA TRP A 32 -6.82 -2.16 -7.52
C TRP A 32 -6.02 -3.42 -7.35
N THR A 33 -6.60 -4.54 -7.79
CA THR A 33 -5.83 -5.81 -7.78
C THR A 33 -4.58 -5.70 -8.67
N ILE A 34 -4.75 -5.12 -9.88
CA ILE A 34 -3.57 -4.88 -10.73
C ILE A 34 -2.54 -3.93 -10.10
N PHE A 35 -3.02 -2.85 -9.50
CA PHE A 35 -2.15 -1.86 -8.86
C PHE A 35 -1.36 -2.50 -7.72
N ARG A 36 -2.04 -3.31 -6.93
CA ARG A 36 -1.37 -4.00 -5.81
C ARG A 36 -0.33 -4.99 -6.33
N GLU A 37 -0.64 -5.72 -7.41
CA GLU A 37 0.37 -6.68 -7.98
C GLU A 37 1.60 -5.97 -8.55
N LEU A 38 1.39 -4.80 -9.17
CA LEU A 38 2.53 -3.97 -9.59
C LEU A 38 3.39 -3.55 -8.40
N GLU A 39 2.76 -3.14 -7.30
CA GLU A 39 3.51 -2.80 -6.10
C GLU A 39 4.28 -4.02 -5.54
N VAL A 40 3.64 -5.20 -5.53
CA VAL A 40 4.39 -6.45 -5.15
C VAL A 40 5.63 -6.64 -6.04
N PHE A 41 5.46 -6.47 -7.36
CA PHE A 41 6.58 -6.61 -8.30
C PHE A 41 7.74 -5.61 -8.00
N VAL A 42 7.41 -4.33 -7.82
CA VAL A 42 8.40 -3.30 -7.56
C VAL A 42 9.15 -3.61 -6.26
N ARG A 43 8.42 -4.00 -5.21
CA ARG A 43 8.99 -4.44 -3.92
C ARG A 43 9.99 -5.59 -4.02
N SER A 44 9.76 -6.51 -4.95
CA SER A 44 10.70 -7.58 -5.21
C SER A 44 12.02 -7.01 -5.73
N LYS A 45 11.90 -6.02 -6.63
CA LYS A 45 13.02 -5.29 -7.16
C LYS A 45 13.70 -4.37 -6.14
N LEU A 46 12.93 -3.73 -5.28
CA LEU A 46 13.52 -2.92 -4.21
C LEU A 46 14.35 -3.80 -3.28
N LYS A 47 13.83 -4.96 -2.91
CA LYS A 47 14.61 -5.96 -2.10
C LYS A 47 15.92 -6.38 -2.77
N GLU A 48 15.83 -6.82 -4.03
CA GLU A 48 17.02 -7.27 -4.76
C GLU A 48 18.04 -6.16 -4.90
N TYR A 49 17.58 -4.96 -5.14
CA TYR A 49 18.48 -3.85 -5.36
C TYR A 49 18.79 -3.08 -4.06
N GLN A 50 18.32 -3.62 -2.93
CA GLN A 50 18.72 -3.16 -1.59
C GLN A 50 18.24 -1.72 -1.23
N TYR A 51 16.97 -1.44 -1.52
CA TYR A 51 16.36 -0.15 -1.15
C TYR A 51 15.63 -0.28 0.21
N GLN A 52 15.64 0.83 0.96
CA GLN A 52 14.68 1.06 2.07
C GLN A 52 13.29 1.38 1.45
N GLU A 53 12.20 1.16 2.21
CA GLU A 53 10.87 1.71 1.85
C GLU A 53 10.22 2.51 3.02
N VAL A 54 9.92 3.77 2.76
CA VAL A 54 9.40 4.70 3.76
C VAL A 54 8.04 5.24 3.28
N LYS A 55 7.46 6.15 4.06
CA LYS A 55 6.26 6.84 3.69
C LYS A 55 6.31 8.22 4.33
N GLY A 56 6.29 9.26 3.51
CA GLY A 56 6.35 10.63 4.02
C GLY A 56 4.95 11.22 4.00
N PRO A 57 4.69 12.27 4.79
CA PRO A 57 3.35 12.86 4.96
C PRO A 57 2.80 13.52 3.67
N PHE A 58 1.46 13.57 3.51
CA PHE A 58 0.84 14.22 2.34
C PHE A 58 1.07 15.71 2.34
N MET A 59 1.09 16.30 3.51
CA MET A 59 1.29 17.76 3.54
C MET A 59 2.37 18.24 4.48
N MET A 60 3.03 19.34 4.11
CA MET A 60 4.06 19.94 4.99
C MET A 60 3.98 21.47 4.86
N ASP A 61 4.51 22.19 5.84
CA ASP A 61 4.43 23.69 5.92
C ASP A 61 5.02 24.35 4.61
N ARG A 62 4.37 25.37 4.11
CA ARG A 62 4.83 26.07 2.91
C ARG A 62 6.28 26.56 3.05
N VAL A 63 6.68 26.92 4.28
CA VAL A 63 8.03 27.43 4.56
C VAL A 63 9.10 26.44 4.07
N LEU A 64 8.93 25.14 4.36
CA LEU A 64 9.82 24.11 3.84
C LEU A 64 9.87 24.11 2.29
N TRP A 65 8.72 24.26 1.64
CA TRP A 65 8.64 24.29 0.18
C TRP A 65 9.22 25.57 -0.44
N GLU A 66 9.24 26.63 0.34
CA GLU A 66 9.96 27.85 -0.06
C GLU A 66 11.44 27.59 -0.07
N LYS A 67 11.94 26.97 1.01
CA LYS A 67 13.36 26.60 1.19
C LYS A 67 13.96 25.75 0.07
N THR A 68 13.16 24.80 -0.44
CA THR A 68 13.61 23.89 -1.50
C THR A 68 13.71 24.54 -2.88
N GLY A 69 13.04 25.67 -3.08
CA GLY A 69 12.86 26.23 -4.41
C GLY A 69 11.59 25.89 -5.15
N HIS A 70 10.77 24.96 -4.61
CA HIS A 70 9.49 24.56 -5.24
C HIS A 70 8.49 25.70 -5.33
N TRP A 71 8.41 26.53 -4.31
CA TRP A 71 7.45 27.64 -4.28
C TRP A 71 7.61 28.61 -5.45
N ASP A 72 8.84 29.02 -5.73
CA ASP A 72 9.19 29.82 -6.89
C ASP A 72 8.90 29.10 -8.23
N ASN A 73 9.17 27.78 -8.28
CA ASN A 73 9.19 27.01 -9.54
C ASN A 73 7.99 26.08 -9.78
N TYR A 74 7.08 26.00 -8.80
CA TYR A 74 5.95 25.06 -8.88
C TYR A 74 4.68 25.70 -8.34
N LYS A 75 4.79 26.94 -7.88
CA LYS A 75 3.72 27.62 -7.16
C LYS A 75 2.35 27.32 -7.74
N ASP A 76 2.24 27.49 -9.05
CA ASP A 76 0.99 27.40 -9.77
C ASP A 76 0.42 25.98 -9.68
N ALA A 77 1.32 24.98 -9.68
CA ALA A 77 0.94 23.57 -9.72
C ALA A 77 0.71 22.95 -8.34
N MET A 78 0.92 23.73 -7.27
CA MET A 78 0.81 23.19 -5.90
C MET A 78 -0.53 23.51 -5.22
N PHE A 79 -1.18 22.47 -4.68
CA PHE A 79 -2.42 22.64 -3.94
C PHE A 79 -2.04 23.12 -2.53
N THR A 80 -2.66 24.21 -2.06
CA THR A 80 -2.39 24.67 -0.69
C THR A 80 -3.64 24.51 0.20
N THR A 81 -3.41 24.30 1.51
CA THR A 81 -4.46 24.28 2.55
C THR A 81 -3.92 24.88 3.83
N SER A 82 -4.79 25.47 4.63
CA SER A 82 -4.32 26.11 5.85
C SER A 82 -5.00 25.57 7.09
N SER A 83 -4.26 25.59 8.21
CA SER A 83 -4.84 25.32 9.54
C SER A 83 -4.23 26.24 10.58
N GLU A 84 -5.03 26.77 11.47
CA GLU A 84 -4.56 27.60 12.59
C GLU A 84 -3.44 28.63 12.21
N ASN A 85 -3.73 29.52 11.26
CA ASN A 85 -2.77 30.58 10.83
C ASN A 85 -1.51 30.15 10.02
N ARG A 86 -1.39 28.85 9.73
CA ARG A 86 -0.27 28.34 8.90
C ARG A 86 -0.74 27.77 7.57
N GLU A 87 0.12 27.81 6.57
CA GLU A 87 -0.22 27.27 5.25
C GLU A 87 0.68 26.07 4.96
N TYR A 88 0.07 25.02 4.41
CA TYR A 88 0.72 23.76 4.01
C TYR A 88 0.55 23.51 2.52
N CYS A 89 1.54 22.88 1.89
CA CYS A 89 1.38 22.40 0.53
C CYS A 89 1.15 20.88 0.57
N ILE A 90 0.22 20.41 -0.26
CA ILE A 90 0.06 19.00 -0.52
C ILE A 90 1.23 18.66 -1.46
N LYS A 91 1.90 17.55 -1.16
CA LYS A 91 3.19 17.25 -1.73
C LYS A 91 3.11 16.92 -3.22
N PRO A 92 3.88 17.65 -4.05
CA PRO A 92 3.96 17.35 -5.48
C PRO A 92 5.10 16.39 -5.79
N MET A 93 5.93 16.14 -4.80
CA MET A 93 7.15 15.35 -4.92
C MET A 93 7.47 14.82 -3.55
N ASN A 94 8.12 13.66 -3.54
CA ASN A 94 8.47 12.94 -2.33
C ASN A 94 9.83 13.32 -1.75
N CYS A 95 10.65 14.03 -2.55
CA CYS A 95 12.07 14.23 -2.20
C CYS A 95 12.30 14.98 -0.90
N PRO A 96 11.60 16.12 -0.67
CA PRO A 96 11.73 16.86 0.59
C PRO A 96 11.43 16.00 1.85
N GLY A 97 10.39 15.16 1.80
CA GLY A 97 10.15 14.25 2.89
C GLY A 97 11.26 13.26 3.19
N HIS A 98 11.82 12.71 2.12
CA HIS A 98 12.96 11.80 2.19
C HIS A 98 14.18 12.47 2.81
N VAL A 99 14.43 13.74 2.48
CA VAL A 99 15.52 14.50 3.13
C VAL A 99 15.25 14.68 4.63
N GLN A 100 13.99 14.94 5.01
CA GLN A 100 13.64 15.11 6.45
C GLN A 100 13.87 13.82 7.24
N ILE A 101 13.62 12.70 6.58
CA ILE A 101 13.93 11.40 7.17
C ILE A 101 15.46 11.19 7.27
N PHE A 102 16.22 11.49 6.21
CA PHE A 102 17.71 11.43 6.24
C PHE A 102 18.28 12.27 7.38
N ASN A 103 17.71 13.46 7.54
CA ASN A 103 18.16 14.44 8.54
C ASN A 103 17.97 14.01 10.00
N GLN A 104 17.22 12.95 10.23
CA GLN A 104 17.05 12.42 11.59
C GLN A 104 18.23 11.57 12.00
N GLY A 105 18.95 12.08 12.99
CA GLY A 105 20.14 11.39 13.46
C GLY A 105 21.35 11.74 12.61
N LEU A 106 22.51 11.38 13.15
CA LEU A 106 23.79 11.58 12.49
C LEU A 106 24.04 10.51 11.44
N LYS A 107 24.36 10.97 10.23
CA LYS A 107 24.76 10.09 9.15
C LYS A 107 26.28 10.09 8.95
N SER A 108 26.81 8.89 8.68
CA SER A 108 28.23 8.65 8.44
C SER A 108 28.45 8.28 6.97
N TYR A 109 29.64 8.53 6.42
CA TYR A 109 29.99 8.00 5.10
C TYR A 109 29.68 6.50 5.03
N ARG A 110 29.67 5.81 6.17
CA ARG A 110 29.42 4.35 6.23
C ARG A 110 27.97 3.98 5.97
N ASP A 111 27.10 4.99 6.09
CA ASP A 111 25.66 4.84 5.84
C ASP A 111 25.32 5.00 4.37
N LEU A 112 26.30 5.41 3.58
CA LEU A 112 26.12 5.68 2.14
C LEU A 112 26.72 4.57 1.29
N PRO A 113 26.11 4.26 0.12
CA PRO A 113 24.91 4.90 -0.46
C PRO A 113 23.62 4.46 0.27
N LEU A 114 22.80 5.42 0.67
CA LEU A 114 21.52 5.14 1.31
C LEU A 114 20.38 5.24 0.27
N ARG A 115 19.72 4.12 -0.04
CA ARG A 115 18.71 4.14 -1.12
C ARG A 115 17.33 4.08 -0.51
N MET A 116 16.58 5.16 -0.62
CA MET A 116 15.28 5.34 0.03
C MET A 116 14.07 5.37 -0.95
N ALA A 117 13.20 4.35 -0.90
CA ALA A 117 12.06 4.26 -1.83
C ALA A 117 10.75 4.54 -1.16
N GLU A 118 9.78 4.94 -1.97
CA GLU A 118 8.43 5.18 -1.53
C GLU A 118 7.53 5.04 -2.74
N PHE A 119 6.36 4.40 -2.53
CA PHE A 119 5.20 4.59 -3.42
C PHE A 119 4.52 5.89 -3.07
N GLY A 120 5.03 6.93 -3.72
CA GLY A 120 4.75 8.27 -3.29
C GLY A 120 3.52 8.87 -3.93
N SER A 121 2.52 9.12 -3.08
CA SER A 121 1.21 9.66 -3.47
C SER A 121 1.29 11.15 -3.51
N CYS A 122 1.34 11.69 -4.73
CA CYS A 122 1.59 13.12 -4.96
C CYS A 122 0.41 13.75 -5.69
N HIS A 123 0.28 15.07 -5.58
CA HIS A 123 -0.78 15.85 -6.23
C HIS A 123 -0.19 17.07 -6.83
N ARG A 124 -0.61 17.36 -8.07
CA ARG A 124 -0.26 18.59 -8.81
C ARG A 124 -1.51 19.17 -9.46
N ASN A 125 -1.68 20.48 -9.38
CA ASN A 125 -2.88 21.12 -9.92
C ASN A 125 -2.77 21.31 -11.45
N GLU A 126 -2.76 20.18 -12.17
CA GLU A 126 -2.66 20.18 -13.65
C GLU A 126 -3.92 20.82 -14.27
N PRO A 127 -3.77 21.62 -15.38
CA PRO A 127 -4.94 22.29 -15.91
C PRO A 127 -5.97 21.25 -16.32
N SER A 128 -7.24 21.50 -16.01
CA SER A 128 -8.29 20.53 -16.33
C SER A 128 -8.28 20.07 -17.81
N GLY A 129 -8.07 21.00 -18.72
CA GLY A 129 -8.07 20.68 -20.16
C GLY A 129 -6.98 19.72 -20.65
N SER A 130 -5.97 19.51 -19.81
CA SER A 130 -4.90 18.58 -20.16
C SER A 130 -5.11 17.16 -19.62
N LEU A 131 -6.17 16.93 -18.82
CA LEU A 131 -6.30 15.63 -18.14
C LEU A 131 -6.90 14.59 -19.09
N HIS A 132 -6.52 13.33 -18.91
CA HIS A 132 -6.85 12.25 -19.85
C HIS A 132 -6.71 10.92 -19.17
N GLY A 133 -7.84 10.30 -18.90
CA GLY A 133 -7.88 8.97 -18.30
C GLY A 133 -6.89 8.78 -17.15
N LEU A 134 -6.19 7.65 -17.19
CA LEU A 134 -5.12 7.31 -16.26
C LEU A 134 -3.78 7.90 -16.67
N MET A 135 -3.67 8.49 -17.89
CA MET A 135 -2.39 8.93 -18.50
C MET A 135 -1.96 10.28 -17.96
N ARG A 136 -2.89 11.23 -17.91
CA ARG A 136 -2.59 12.58 -17.38
C ARG A 136 -3.51 12.86 -16.18
N VAL A 137 -2.99 12.74 -14.96
CA VAL A 137 -3.82 12.90 -13.74
C VAL A 137 -3.32 14.03 -12.82
N ARG A 138 -4.14 14.40 -11.83
CA ARG A 138 -3.73 15.31 -10.75
C ARG A 138 -3.20 14.58 -9.49
N GLY A 139 -3.79 13.44 -9.14
CA GLY A 139 -3.25 12.56 -8.09
C GLY A 139 -2.64 11.30 -8.73
N PHE A 140 -1.32 11.23 -8.67
CA PHE A 140 -0.56 10.13 -9.26
C PHE A 140 0.29 9.50 -8.14
N THR A 141 0.70 8.27 -8.35
CA THR A 141 1.54 7.52 -7.41
C THR A 141 2.78 7.11 -8.13
N GLN A 142 3.88 7.63 -7.66
CA GLN A 142 5.21 7.39 -8.26
C GLN A 142 5.93 6.20 -7.59
N ASP A 143 6.56 5.35 -8.39
CA ASP A 143 7.51 4.36 -7.90
C ASP A 143 8.88 5.06 -7.71
N ASP A 144 8.95 5.95 -6.71
CA ASP A 144 10.02 6.92 -6.51
C ASP A 144 11.14 6.39 -5.63
N ALA A 145 12.30 7.01 -5.71
CA ALA A 145 13.31 6.79 -4.67
C ALA A 145 14.28 7.90 -4.85
N HIS A 146 14.92 8.23 -3.74
CA HIS A 146 16.12 9.08 -3.74
C HIS A 146 17.27 8.34 -3.13
N ILE A 147 18.41 8.40 -3.82
CA ILE A 147 19.64 7.83 -3.37
C ILE A 147 20.52 8.97 -2.85
N PHE A 148 20.96 8.83 -1.60
CA PHE A 148 21.93 9.76 -0.96
C PHE A 148 23.33 9.13 -1.10
N CYS A 149 24.30 9.84 -1.70
CA CYS A 149 25.62 9.23 -1.97
C CYS A 149 26.74 10.25 -1.98
N THR A 150 27.98 9.78 -2.04
CA THR A 150 29.13 10.66 -2.20
C THR A 150 29.32 10.95 -3.70
N GLU A 151 30.18 11.89 -4.05
CA GLU A 151 30.45 12.16 -5.48
C GLU A 151 31.13 10.96 -6.17
N GLU A 152 31.97 10.28 -5.41
CA GLU A 152 32.71 9.08 -5.86
C GLU A 152 31.81 7.90 -6.20
N GLN A 153 30.61 7.91 -5.60
CA GLN A 153 29.58 6.85 -5.79
C GLN A 153 28.56 7.14 -6.91
N ILE A 154 28.61 8.32 -7.52
CA ILE A 154 27.61 8.70 -8.54
C ILE A 154 27.57 7.67 -9.67
N ARG A 155 28.75 7.32 -10.16
CA ARG A 155 28.86 6.41 -11.30
C ARG A 155 28.13 5.09 -11.05
N ASP A 156 28.43 4.44 -9.92
CA ASP A 156 27.84 3.14 -9.66
C ASP A 156 26.35 3.27 -9.39
N GLU A 157 25.95 4.37 -8.76
CA GLU A 157 24.53 4.45 -8.42
C GLU A 157 23.68 4.75 -9.64
N VAL A 158 24.15 5.65 -10.50
CA VAL A 158 23.42 5.90 -11.78
C VAL A 158 23.33 4.63 -12.61
N ASN A 159 24.44 3.88 -12.67
CA ASN A 159 24.42 2.56 -13.32
C ASN A 159 23.37 1.58 -12.83
N GLY A 160 23.26 1.45 -11.50
CA GLY A 160 22.23 0.64 -10.85
C GLY A 160 20.85 1.11 -11.25
N CYS A 161 20.62 2.42 -11.26
CA CYS A 161 19.33 2.94 -11.76
C CYS A 161 19.08 2.56 -13.22
N ILE A 162 20.10 2.74 -14.07
CA ILE A 162 19.97 2.37 -15.50
C ILE A 162 19.65 0.85 -15.69
N ARG A 163 20.37 -0.04 -15.00
CA ARG A 163 20.05 -1.48 -15.03
C ARG A 163 18.61 -1.76 -14.69
N LEU A 164 18.13 -1.13 -13.61
CA LEU A 164 16.79 -1.34 -13.08
C LEU A 164 15.71 -1.01 -14.10
N VAL A 165 15.92 0.06 -14.85
CA VAL A 165 15.00 0.47 -15.91
C VAL A 165 14.80 -0.69 -16.93
N TYR A 166 15.92 -1.13 -17.50
CA TYR A 166 15.86 -2.15 -18.56
C TYR A 166 15.39 -3.51 -18.00
N ASP A 167 15.88 -3.87 -16.82
CA ASP A 167 15.40 -5.04 -16.06
C ASP A 167 13.88 -5.05 -15.89
N MET A 168 13.34 -4.01 -15.23
CA MET A 168 11.88 -3.91 -15.07
C MET A 168 11.01 -3.84 -16.37
N TYR A 169 11.41 -3.03 -17.34
CA TYR A 169 10.64 -2.96 -18.63
C TYR A 169 10.62 -4.29 -19.39
N SER A 170 11.70 -5.08 -19.31
CA SER A 170 11.75 -6.42 -19.94
C SER A 170 10.68 -7.37 -19.37
N THR A 171 10.32 -7.22 -18.09
CA THR A 171 9.30 -8.09 -17.51
C THR A 171 7.96 -7.98 -18.21
N PHE A 172 7.64 -6.75 -18.68
CA PHE A 172 6.35 -6.46 -19.37
C PHE A 172 6.44 -6.59 -20.88
N GLY A 173 7.60 -7.00 -21.40
CA GLY A 173 7.78 -7.22 -22.84
C GLY A 173 8.14 -5.93 -23.56
N PHE A 174 8.67 -4.95 -22.84
CA PHE A 174 9.15 -3.73 -23.48
C PHE A 174 10.64 -3.75 -23.68
N GLU A 175 11.05 -3.99 -24.92
CA GLU A 175 12.47 -4.09 -25.19
C GLU A 175 13.05 -2.99 -26.07
N LYS A 176 12.17 -2.25 -26.78
CA LYS A 176 12.57 -1.10 -27.61
C LYS A 176 12.47 0.19 -26.75
N ILE A 177 13.62 0.82 -26.49
CA ILE A 177 13.74 1.93 -25.52
C ILE A 177 14.64 3.02 -26.12
N VAL A 178 14.16 4.26 -26.10
CA VAL A 178 14.92 5.41 -26.58
C VAL A 178 15.22 6.31 -25.38
N VAL A 179 16.42 6.92 -25.39
CA VAL A 179 16.92 7.69 -24.24
C VAL A 179 17.30 9.14 -24.60
N LYS A 180 17.09 10.04 -23.65
CA LYS A 180 17.32 11.45 -23.85
C LYS A 180 17.99 12.05 -22.63
N LEU A 181 18.82 13.11 -22.83
CA LEU A 181 19.35 13.86 -21.72
C LEU A 181 18.79 15.29 -21.71
N SER A 182 18.08 15.60 -20.63
CA SER A 182 17.35 16.87 -20.45
C SER A 182 18.24 17.84 -19.69
N THR A 183 18.57 18.95 -20.34
CA THR A 183 19.65 19.79 -19.86
C THR A 183 19.03 21.00 -19.19
N ARG A 184 19.87 21.86 -18.64
CA ARG A 184 19.47 23.04 -17.85
C ARG A 184 18.25 23.82 -18.34
N PRO A 185 17.20 23.98 -17.48
CA PRO A 185 16.09 24.85 -17.90
C PRO A 185 16.51 26.34 -17.78
N GLU A 186 15.64 27.25 -18.22
CA GLU A 186 15.87 28.69 -18.07
C GLU A 186 15.74 29.14 -16.63
N LYS A 187 14.68 28.71 -15.95
CA LYS A 187 14.57 28.91 -14.51
C LYS A 187 15.16 27.70 -13.77
N ARG A 188 16.31 27.92 -13.15
CA ARG A 188 16.99 26.87 -12.41
C ARG A 188 17.65 27.44 -11.17
N ILE A 189 17.99 26.55 -10.24
CA ILE A 189 18.83 26.89 -9.11
C ILE A 189 20.17 26.21 -9.28
N GLY A 190 21.21 26.77 -8.67
CA GLY A 190 22.56 26.19 -8.79
C GLY A 190 23.38 26.90 -9.86
N SER A 191 24.70 26.92 -9.66
CA SER A 191 25.64 27.64 -10.50
C SER A 191 25.81 26.89 -11.82
N ASP A 192 26.29 27.58 -12.84
CA ASP A 192 26.53 26.98 -14.16
C ASP A 192 27.57 25.85 -14.14
N GLU A 193 28.55 25.95 -13.22
CA GLU A 193 29.62 24.96 -13.06
C GLU A 193 29.09 23.67 -12.46
N MET A 194 28.16 23.80 -11.53
CA MET A 194 27.43 22.68 -10.96
C MET A 194 26.62 21.97 -12.04
N TRP A 195 25.94 22.75 -12.88
CA TRP A 195 25.24 22.22 -14.03
C TRP A 195 26.09 21.54 -15.05
N ASP A 196 27.26 22.13 -15.31
CA ASP A 196 28.28 21.59 -16.24
C ASP A 196 28.65 20.17 -15.80
N ARG A 197 28.87 20.08 -14.49
CA ARG A 197 29.30 18.88 -13.84
C ARG A 197 28.18 17.79 -13.80
N ALA A 198 26.96 18.19 -13.43
CA ALA A 198 25.80 17.24 -13.36
C ALA A 198 25.47 16.65 -14.73
N GLU A 199 25.47 17.50 -15.75
CA GLU A 199 25.20 17.05 -17.12
C GLU A 199 26.23 16.05 -17.66
N ALA A 200 27.51 16.37 -17.46
CA ALA A 200 28.63 15.51 -17.85
C ALA A 200 28.57 14.18 -17.13
N ASP A 201 28.27 14.22 -15.84
CA ASP A 201 28.05 12.97 -15.07
C ASP A 201 27.01 12.02 -15.67
N LEU A 202 25.89 12.57 -16.12
CA LEU A 202 24.87 11.71 -16.75
C LEU A 202 25.28 11.28 -18.16
N ALA A 203 25.87 12.18 -18.95
CA ALA A 203 26.33 11.81 -20.32
C ALA A 203 27.31 10.64 -20.22
N VAL A 204 28.28 10.78 -19.33
CA VAL A 204 29.32 9.77 -19.11
C VAL A 204 28.77 8.39 -18.68
N ALA A 205 27.78 8.40 -17.80
CA ALA A 205 27.11 7.17 -17.45
C ALA A 205 26.46 6.50 -18.69
N LEU A 206 25.74 7.27 -19.49
CA LEU A 206 25.07 6.74 -20.68
C LEU A 206 26.05 6.19 -21.68
N GLU A 207 27.16 6.91 -21.84
CA GLU A 207 28.22 6.56 -22.79
C GLU A 207 28.88 5.22 -22.40
N GLU A 208 29.28 5.10 -21.13
CA GLU A 208 29.84 3.87 -20.55
C GLU A 208 28.86 2.67 -20.56
N ASN A 209 27.56 2.92 -20.75
CA ASN A 209 26.59 1.84 -20.92
C ASN A 209 26.26 1.53 -22.37
N ASN A 210 26.89 2.27 -23.26
CA ASN A 210 26.72 2.11 -24.71
C ASN A 210 25.30 2.43 -25.15
N ILE A 211 24.67 3.35 -24.41
CA ILE A 211 23.30 3.78 -24.66
C ILE A 211 23.35 5.05 -25.49
N PRO A 212 22.87 5.01 -26.74
CA PRO A 212 22.81 6.26 -27.47
C PRO A 212 21.68 7.16 -26.98
N PHE A 213 21.86 8.47 -27.08
CA PHE A 213 20.84 9.42 -26.63
C PHE A 213 20.78 10.70 -27.48
N GLU A 214 19.72 11.46 -27.32
CA GLU A 214 19.61 12.82 -27.89
C GLU A 214 19.51 13.78 -26.73
N TYR A 215 19.88 15.05 -26.96
CA TYR A 215 19.67 16.07 -25.95
C TYR A 215 18.20 16.54 -26.01
N GLN A 216 17.71 16.96 -24.85
CA GLN A 216 16.41 17.60 -24.72
C GLN A 216 16.69 18.94 -24.05
N LEU A 217 17.00 19.93 -24.88
CA LEU A 217 17.42 21.25 -24.37
C LEU A 217 16.36 21.93 -23.51
N GLY A 218 16.79 22.45 -22.36
CA GLY A 218 15.93 23.22 -21.47
C GLY A 218 14.81 22.46 -20.77
N GLU A 219 14.93 21.14 -20.73
CA GLU A 219 13.88 20.28 -20.15
C GLU A 219 14.31 19.59 -18.83
N GLY A 220 15.50 19.88 -18.31
CA GLY A 220 15.89 19.31 -17.01
C GLY A 220 15.03 19.89 -15.91
N ALA A 221 15.12 19.33 -14.71
CA ALA A 221 14.37 19.87 -13.54
C ALA A 221 14.99 21.18 -13.12
N PHE A 222 14.30 21.96 -12.30
CA PHE A 222 14.93 23.18 -11.77
C PHE A 222 16.19 22.92 -10.91
N TYR A 223 16.24 21.73 -10.31
CA TYR A 223 17.30 21.29 -9.38
C TYR A 223 18.44 20.44 -9.97
N GLY A 224 18.22 19.93 -11.17
CA GLY A 224 19.21 19.08 -11.86
C GLY A 224 18.75 18.50 -13.19
N PRO A 225 19.70 17.97 -13.98
CA PRO A 225 19.40 17.38 -15.29
C PRO A 225 18.90 15.93 -15.14
N LYS A 226 18.27 15.43 -16.21
CA LYS A 226 17.49 14.18 -16.23
C LYS A 226 17.86 13.26 -17.41
N ILE A 227 18.07 11.97 -17.12
CA ILE A 227 18.05 10.91 -18.14
C ILE A 227 16.61 10.46 -18.18
N GLU A 228 16.00 10.50 -19.37
CA GLU A 228 14.58 10.14 -19.56
C GLU A 228 14.48 9.01 -20.57
N PHE A 229 13.69 8.00 -20.20
CA PHE A 229 13.58 6.74 -20.93
C PHE A 229 12.15 6.59 -21.44
N THR A 230 12.04 6.35 -22.76
CA THR A 230 10.76 6.19 -23.45
C THR A 230 10.75 4.75 -23.98
N LEU A 231 9.68 4.00 -23.67
CA LEU A 231 9.47 2.69 -24.26
C LEU A 231 8.48 2.77 -25.42
N TYR A 232 8.60 1.80 -26.34
CA TYR A 232 7.62 1.62 -27.41
C TYR A 232 6.80 0.37 -27.16
N ASP A 233 5.49 0.49 -27.38
CA ASP A 233 4.61 -0.63 -27.12
C ASP A 233 4.50 -1.52 -28.38
N CYS A 234 3.54 -2.44 -28.39
CA CYS A 234 3.41 -3.38 -29.52
C CYS A 234 2.81 -2.73 -30.78
N LEU A 235 2.23 -1.54 -30.60
CA LEU A 235 1.72 -0.74 -31.71
C LEU A 235 2.75 0.31 -32.13
N ASP A 236 3.96 0.21 -31.56
CA ASP A 236 5.07 1.14 -31.80
C ASP A 236 4.80 2.60 -31.38
N ARG A 237 3.93 2.78 -30.38
CA ARG A 237 3.68 4.10 -29.81
C ARG A 237 4.72 4.42 -28.72
N ALA A 238 5.16 5.67 -28.66
CA ALA A 238 6.18 6.05 -27.66
C ALA A 238 5.55 6.45 -26.33
N TRP A 239 6.06 5.92 -25.22
CA TRP A 239 5.66 6.37 -23.87
C TRP A 239 6.86 6.77 -23.05
N GLN A 240 7.02 8.06 -22.71
CA GLN A 240 8.13 8.44 -21.83
C GLN A 240 7.73 8.06 -20.41
N CYS A 241 8.56 7.23 -19.78
CA CYS A 241 8.24 6.71 -18.44
C CYS A 241 9.33 6.98 -17.39
N GLY A 242 10.50 6.42 -17.62
CA GLY A 242 11.57 6.38 -16.62
C GLY A 242 12.36 7.68 -16.59
N THR A 243 12.88 8.00 -15.42
CA THR A 243 13.65 9.24 -15.19
C THR A 243 14.75 9.00 -14.16
N VAL A 244 15.94 9.51 -14.47
CA VAL A 244 17.08 9.48 -13.51
C VAL A 244 17.69 10.90 -13.47
N GLN A 245 17.74 11.46 -12.26
CA GLN A 245 17.96 12.90 -12.03
C GLN A 245 19.11 13.14 -11.03
N LEU A 246 20.02 14.05 -11.35
CA LEU A 246 21.17 14.27 -10.51
C LEU A 246 21.09 15.63 -9.89
N ASP A 247 21.13 15.68 -8.58
CA ASP A 247 20.74 16.86 -7.82
C ASP A 247 21.85 17.25 -6.90
N PHE A 248 22.48 18.40 -7.18
CA PHE A 248 23.52 18.97 -6.30
C PHE A 248 22.98 20.16 -5.49
N SER A 249 21.67 20.29 -5.42
CA SER A 249 21.12 21.53 -4.87
C SER A 249 20.22 21.33 -3.66
N LEU A 250 19.28 20.41 -3.77
CA LEU A 250 18.26 20.30 -2.72
C LEU A 250 18.76 19.89 -1.31
N PRO A 251 19.75 18.97 -1.24
CA PRO A 251 20.32 18.58 0.07
C PRO A 251 20.89 19.75 0.87
N SER A 252 21.70 20.59 0.20
CA SER A 252 22.29 21.78 0.81
C SER A 252 21.20 22.74 1.26
N ARG A 253 20.28 23.04 0.35
CA ARG A 253 19.08 23.83 0.66
C ARG A 253 18.30 23.34 1.88
N LEU A 254 18.30 22.04 2.12
CA LEU A 254 17.61 21.46 3.27
C LEU A 254 18.55 21.02 4.41
N SER A 255 19.78 21.54 4.43
CA SER A 255 20.75 21.26 5.52
C SER A 255 20.99 19.77 5.76
N ALA A 256 21.12 18.99 4.68
CA ALA A 256 21.50 17.60 4.77
C ALA A 256 23.04 17.49 4.85
N SER A 257 23.55 16.66 5.76
CA SER A 257 24.99 16.43 5.86
C SER A 257 25.32 15.06 6.41
N TYR A 258 26.57 14.63 6.17
CA TYR A 258 27.12 13.39 6.73
C TYR A 258 28.58 13.63 7.11
N VAL A 259 29.09 12.83 8.05
CA VAL A 259 30.51 12.94 8.46
C VAL A 259 31.35 11.99 7.58
N GLY A 260 32.27 12.58 6.82
CA GLY A 260 33.17 11.82 5.93
C GLY A 260 34.29 11.07 6.64
N GLU A 261 35.10 10.36 5.86
CA GLU A 261 36.21 9.56 6.41
C GLU A 261 37.17 10.36 7.28
N ASP A 262 37.59 11.53 6.77
CA ASP A 262 38.43 12.44 7.54
C ASP A 262 37.65 13.29 8.55
N ASN A 263 36.42 12.85 8.83
CA ASN A 263 35.58 13.43 9.89
C ASN A 263 35.15 14.87 9.65
N GLU A 264 35.40 15.34 8.42
CA GLU A 264 34.87 16.60 7.93
C GLU A 264 33.37 16.42 7.60
N ARG A 265 32.62 17.50 7.72
CA ARG A 265 31.20 17.51 7.42
C ARG A 265 31.01 17.71 5.91
N LYS A 266 30.15 16.89 5.32
CA LYS A 266 29.95 16.89 3.88
C LYS A 266 28.46 16.85 3.50
N VAL A 267 28.11 17.39 2.34
CA VAL A 267 26.72 17.40 1.85
C VAL A 267 26.55 16.20 0.91
N PRO A 268 25.47 15.37 1.08
CA PRO A 268 25.37 14.27 0.13
C PRO A 268 24.87 14.74 -1.21
N VAL A 269 25.25 14.03 -2.26
CA VAL A 269 24.61 14.15 -3.56
C VAL A 269 23.27 13.39 -3.48
N MET A 270 22.26 13.84 -4.22
CA MET A 270 21.01 13.06 -4.30
C MET A 270 20.69 12.64 -5.76
N ILE A 271 20.46 11.34 -5.97
CA ILE A 271 19.89 10.86 -7.23
C ILE A 271 18.41 10.60 -7.02
N HIS A 272 17.58 11.23 -7.85
CA HIS A 272 16.10 10.94 -7.95
C HIS A 272 15.87 9.95 -9.07
N ARG A 273 14.93 9.01 -8.90
CA ARG A 273 14.54 8.10 -10.02
C ARG A 273 13.16 7.46 -9.84
N ALA A 274 12.46 7.34 -10.97
CA ALA A 274 11.22 6.56 -11.06
C ALA A 274 11.27 5.79 -12.37
N ILE A 275 11.00 4.50 -12.33
CA ILE A 275 11.13 3.59 -13.47
C ILE A 275 9.80 3.49 -14.23
N LEU A 276 8.74 3.11 -13.51
CA LEU A 276 7.41 3.16 -14.12
C LEU A 276 6.83 4.58 -14.31
N GLY A 277 7.21 5.53 -13.43
CA GLY A 277 6.67 6.89 -13.51
C GLY A 277 5.47 7.07 -12.59
N SER A 278 4.31 7.33 -13.16
CA SER A 278 3.02 7.26 -12.46
C SER A 278 2.54 5.80 -12.61
N MET A 279 2.17 5.14 -11.50
CA MET A 279 1.63 3.78 -11.58
C MET A 279 0.29 3.84 -12.30
N GLU A 280 -0.46 4.92 -12.09
CA GLU A 280 -1.75 5.07 -12.80
C GLU A 280 -1.53 4.97 -14.32
N ARG A 281 -0.57 5.76 -14.79
CA ARG A 281 -0.23 5.89 -16.22
C ARG A 281 0.31 4.54 -16.71
N PHE A 282 1.09 3.87 -15.87
CA PHE A 282 1.71 2.62 -16.30
C PHE A 282 0.66 1.54 -16.49
N ILE A 283 -0.34 1.52 -15.62
CA ILE A 283 -1.49 0.60 -15.76
C ILE A 283 -2.32 0.90 -17.05
N GLY A 284 -2.53 2.18 -17.32
CA GLY A 284 -3.21 2.62 -18.57
C GLY A 284 -2.51 2.08 -19.79
N ILE A 285 -1.17 2.27 -19.87
CA ILE A 285 -0.31 1.77 -20.95
C ILE A 285 -0.41 0.23 -21.09
N LEU A 286 -0.22 -0.49 -19.97
CA LEU A 286 -0.36 -1.97 -19.91
C LEU A 286 -1.71 -2.48 -20.39
N THR A 287 -2.80 -1.79 -20.00
CA THR A 287 -4.16 -2.20 -20.38
C THR A 287 -4.28 -2.13 -21.94
N GLU A 288 -3.61 -1.16 -22.55
CA GLU A 288 -3.67 -0.95 -24.00
C GLU A 288 -2.72 -1.89 -24.69
N GLU A 289 -1.55 -2.10 -24.08
CA GLU A 289 -0.59 -3.06 -24.61
C GLU A 289 -1.17 -4.49 -24.75
N PHE A 290 -1.85 -4.96 -23.70
CA PHE A 290 -2.47 -6.30 -23.71
C PHE A 290 -3.86 -6.36 -24.35
N ALA A 291 -4.42 -5.19 -24.65
CA ALA A 291 -5.79 -5.05 -25.08
C ALA A 291 -6.72 -5.81 -24.12
N GLY A 292 -6.43 -5.72 -22.81
CA GLY A 292 -7.21 -6.39 -21.79
C GLY A 292 -6.79 -7.80 -21.42
N PHE A 293 -5.97 -8.45 -22.26
CA PHE A 293 -5.52 -9.85 -22.03
C PHE A 293 -4.30 -9.80 -21.09
N PHE A 294 -4.49 -9.47 -19.82
CA PHE A 294 -3.32 -9.32 -18.92
C PHE A 294 -2.68 -10.67 -18.73
N PRO A 295 -1.33 -10.72 -18.65
CA PRO A 295 -0.65 -11.92 -18.17
C PRO A 295 -1.23 -12.42 -16.84
N THR A 296 -1.28 -13.74 -16.66
CA THR A 296 -1.89 -14.35 -15.46
C THR A 296 -1.53 -13.69 -14.11
N TRP A 297 -0.27 -13.28 -13.98
CA TRP A 297 0.15 -12.64 -12.73
C TRP A 297 -0.46 -11.29 -12.42
N LEU A 298 -0.92 -10.58 -13.47
CA LEU A 298 -1.56 -9.29 -13.36
C LEU A 298 -3.10 -9.40 -13.51
N ALA A 299 -3.62 -10.53 -14.00
CA ALA A 299 -5.09 -10.63 -14.29
C ALA A 299 -5.85 -10.50 -12.99
N PRO A 300 -6.87 -9.61 -12.92
CA PRO A 300 -7.57 -9.47 -11.63
C PRO A 300 -8.19 -10.76 -11.10
N VAL A 301 -8.70 -11.58 -12.03
CA VAL A 301 -9.27 -12.88 -11.68
C VAL A 301 -8.56 -13.88 -12.58
N GLN A 302 -7.85 -14.85 -11.99
CA GLN A 302 -6.98 -15.70 -12.79
C GLN A 302 -7.70 -16.97 -13.28
N VAL A 303 -8.69 -17.41 -12.51
CA VAL A 303 -9.46 -18.66 -12.74
C VAL A 303 -10.91 -18.51 -12.28
N VAL A 304 -11.85 -18.92 -13.13
CA VAL A 304 -13.26 -19.08 -12.72
C VAL A 304 -13.62 -20.57 -12.88
N ILE A 305 -14.25 -21.14 -11.84
CA ILE A 305 -14.72 -22.55 -11.81
C ILE A 305 -16.25 -22.54 -11.88
N MET A 306 -16.80 -23.30 -12.84
CA MET A 306 -18.24 -23.30 -13.12
C MET A 306 -18.84 -24.69 -12.92
N ASN A 307 -20.03 -24.76 -12.32
CA ASN A 307 -20.84 -25.99 -12.38
C ASN A 307 -21.66 -26.07 -13.67
N ILE A 308 -22.07 -27.30 -14.03
CA ILE A 308 -23.01 -27.53 -15.14
C ILE A 308 -24.44 -27.29 -14.63
N THR A 309 -24.80 -27.89 -13.50
CA THR A 309 -25.99 -27.47 -12.72
C THR A 309 -25.81 -27.74 -11.22
N ASP A 310 -26.90 -27.55 -10.48
CA ASP A 310 -26.97 -27.78 -9.03
C ASP A 310 -26.19 -29.01 -8.54
N SER A 311 -26.15 -30.03 -9.38
CA SER A 311 -25.49 -31.28 -9.06
C SER A 311 -24.06 -31.11 -8.54
N GLN A 312 -23.26 -30.27 -9.20
CA GLN A 312 -21.81 -30.22 -8.94
C GLN A 312 -21.34 -28.99 -8.16
N SER A 313 -22.27 -28.29 -7.51
CA SER A 313 -21.98 -27.10 -6.71
C SER A 313 -20.99 -27.41 -5.59
N GLU A 314 -21.26 -28.46 -4.82
CA GLU A 314 -20.42 -28.81 -3.70
C GLU A 314 -18.95 -29.07 -4.11
N TYR A 315 -18.77 -29.74 -5.25
CA TYR A 315 -17.44 -30.04 -5.82
C TYR A 315 -16.73 -28.77 -6.28
N VAL A 316 -17.45 -27.93 -7.04
CA VAL A 316 -16.86 -26.63 -7.45
C VAL A 316 -16.50 -25.75 -6.24
N ASN A 317 -17.30 -25.76 -5.18
CA ASN A 317 -16.95 -25.03 -3.94
C ASN A 317 -15.68 -25.53 -3.27
N GLU A 318 -15.49 -26.85 -3.28
CA GLU A 318 -14.30 -27.55 -2.78
C GLU A 318 -13.05 -27.16 -3.55
N LEU A 319 -13.18 -27.13 -4.89
CA LEU A 319 -12.13 -26.75 -5.81
C LEU A 319 -11.68 -25.29 -5.68
N THR A 320 -12.67 -24.40 -5.67
CA THR A 320 -12.47 -22.94 -5.46
C THR A 320 -11.66 -22.70 -4.19
N GLN A 321 -12.13 -23.26 -3.08
CA GLN A 321 -11.39 -23.12 -1.85
C GLN A 321 -9.96 -23.64 -2.00
N LYS A 322 -9.78 -24.74 -2.73
CA LYS A 322 -8.46 -25.39 -2.74
C LYS A 322 -7.46 -24.52 -3.51
N LEU A 323 -7.89 -24.05 -4.68
CA LEU A 323 -7.10 -23.15 -5.51
C LEU A 323 -6.84 -21.83 -4.80
N SER A 324 -7.80 -21.33 -4.04
CA SER A 324 -7.58 -20.08 -3.29
C SER A 324 -6.48 -20.19 -2.22
N ASN A 325 -6.50 -21.30 -1.47
CA ASN A 325 -5.46 -21.56 -0.43
C ASN A 325 -4.08 -21.65 -1.06
N ALA A 326 -4.05 -22.08 -2.31
CA ALA A 326 -2.83 -22.21 -3.05
C ALA A 326 -2.39 -20.85 -3.63
N GLY A 327 -3.15 -19.80 -3.32
CA GLY A 327 -2.82 -18.43 -3.64
C GLY A 327 -3.30 -17.89 -4.98
N ILE A 328 -4.15 -18.64 -5.67
CA ILE A 328 -4.68 -18.20 -6.99
C ILE A 328 -5.91 -17.33 -6.78
N ARG A 329 -6.07 -16.25 -7.59
CA ARG A 329 -7.29 -15.47 -7.62
C ARG A 329 -8.38 -16.24 -8.38
N VAL A 330 -9.20 -16.93 -7.62
CA VAL A 330 -10.20 -17.81 -8.20
C VAL A 330 -11.61 -17.42 -7.74
N LYS A 331 -12.61 -17.62 -8.60
CA LYS A 331 -14.02 -17.39 -8.22
C LYS A 331 -14.91 -18.53 -8.77
N ALA A 332 -16.08 -18.70 -8.19
CA ALA A 332 -16.98 -19.76 -8.54
C ALA A 332 -18.16 -19.20 -9.21
N ASP A 333 -18.53 -19.81 -10.31
CA ASP A 333 -19.72 -19.37 -11.01
C ASP A 333 -20.76 -20.47 -11.01
N LEU A 334 -21.69 -20.30 -10.09
CA LEU A 334 -22.65 -21.29 -9.73
C LEU A 334 -24.03 -20.88 -10.25
N ARG A 335 -24.11 -19.90 -11.12
CA ARG A 335 -25.38 -19.30 -11.42
C ARG A 335 -26.34 -20.25 -12.10
N ASN A 336 -27.52 -19.74 -12.34
CA ASN A 336 -28.49 -20.43 -13.11
C ASN A 336 -28.00 -20.96 -14.42
N GLU A 337 -27.31 -20.13 -15.20
CA GLU A 337 -27.35 -20.34 -16.64
C GLU A 337 -26.63 -21.50 -17.19
N LYS A 338 -26.77 -21.61 -18.48
CA LYS A 338 -26.14 -22.61 -19.25
C LYS A 338 -24.69 -22.40 -19.30
N ILE A 339 -24.02 -23.49 -19.49
CA ILE A 339 -22.61 -23.50 -19.57
C ILE A 339 -22.01 -22.48 -20.56
N GLY A 340 -22.61 -22.31 -21.72
CA GLY A 340 -22.09 -21.37 -22.71
C GLY A 340 -22.31 -19.90 -22.36
N PHE A 341 -23.34 -19.61 -21.57
CA PHE A 341 -23.59 -18.23 -21.11
C PHE A 341 -22.45 -17.83 -20.19
N LYS A 342 -22.12 -18.73 -19.25
CA LYS A 342 -21.04 -18.56 -18.26
C LYS A 342 -19.68 -18.38 -18.91
N ILE A 343 -19.32 -19.28 -19.82
CA ILE A 343 -17.97 -19.20 -20.41
C ILE A 343 -17.83 -17.93 -21.27
N ARG A 344 -18.90 -17.54 -21.97
CA ARG A 344 -18.85 -16.27 -22.74
C ARG A 344 -18.56 -15.09 -21.85
N GLU A 345 -19.27 -15.02 -20.73
CA GLU A 345 -19.07 -13.91 -19.81
C GLU A 345 -17.60 -13.80 -19.39
N HIS A 346 -17.04 -14.87 -18.81
CA HIS A 346 -15.62 -14.88 -18.38
C HIS A 346 -14.55 -14.77 -19.47
N THR A 347 -14.91 -15.21 -20.68
CA THR A 347 -14.06 -15.00 -21.89
C THR A 347 -13.98 -13.49 -22.23
N LEU A 348 -15.11 -12.80 -22.14
CA LEU A 348 -15.14 -11.37 -22.45
C LEU A 348 -14.54 -10.54 -21.33
N ARG A 349 -14.47 -11.14 -20.13
CA ARG A 349 -13.77 -10.49 -19.01
C ARG A 349 -12.30 -10.77 -19.05
N ARG A 350 -11.90 -11.57 -20.06
CA ARG A 350 -10.50 -11.92 -20.28
C ARG A 350 -9.90 -12.68 -19.09
N VAL A 351 -10.70 -13.51 -18.42
CA VAL A 351 -10.16 -14.42 -17.36
C VAL A 351 -9.28 -15.46 -18.07
N PRO A 352 -8.00 -15.60 -17.66
CA PRO A 352 -7.07 -16.56 -18.26
C PRO A 352 -7.62 -18.00 -18.44
N TYR A 353 -8.10 -18.61 -17.36
CA TYR A 353 -8.52 -20.03 -17.36
C TYR A 353 -9.93 -20.18 -16.82
N MET A 354 -10.67 -21.13 -17.40
CA MET A 354 -12.07 -21.40 -17.04
C MET A 354 -12.24 -22.92 -16.84
N LEU A 355 -12.49 -23.36 -15.64
CA LEU A 355 -12.63 -24.76 -15.34
C LEU A 355 -14.06 -25.21 -15.38
N VAL A 356 -14.34 -26.30 -16.07
CA VAL A 356 -15.70 -26.77 -16.25
C VAL A 356 -15.92 -28.03 -15.43
N CYS A 357 -17.03 -28.09 -14.71
CA CYS A 357 -17.24 -29.23 -13.84
C CYS A 357 -18.58 -29.91 -14.03
N GLY A 358 -18.62 -30.91 -14.88
CA GLY A 358 -19.81 -31.71 -15.07
C GLY A 358 -19.84 -33.00 -14.28
N ASP A 359 -20.88 -33.81 -14.43
CA ASP A 359 -21.01 -35.05 -13.71
C ASP A 359 -19.75 -35.90 -13.78
N LYS A 360 -19.13 -36.01 -14.93
CA LYS A 360 -17.96 -36.87 -15.03
C LYS A 360 -16.69 -36.34 -14.33
N GLU A 361 -16.65 -35.03 -14.08
CA GLU A 361 -15.52 -34.42 -13.39
C GLU A 361 -15.61 -34.67 -11.89
N VAL A 362 -16.83 -34.60 -11.36
CA VAL A 362 -17.10 -34.93 -9.96
C VAL A 362 -16.54 -36.31 -9.62
N GLU A 363 -16.80 -37.29 -10.47
CA GLU A 363 -16.43 -38.68 -10.18
C GLU A 363 -14.95 -39.02 -10.46
N SER A 364 -14.32 -38.25 -11.35
CA SER A 364 -12.89 -38.49 -11.70
C SER A 364 -11.90 -37.73 -10.81
N GLY A 365 -12.34 -36.60 -10.26
CA GLY A 365 -11.49 -35.74 -9.43
C GLY A 365 -10.67 -34.80 -10.30
N LYS A 366 -11.09 -34.66 -11.55
CA LYS A 366 -10.39 -33.85 -12.53
C LYS A 366 -11.21 -32.62 -12.89
N VAL A 367 -10.65 -31.76 -13.72
CA VAL A 367 -11.35 -30.58 -14.27
C VAL A 367 -11.13 -30.46 -15.77
N ALA A 368 -12.13 -30.02 -16.52
CA ALA A 368 -11.98 -29.73 -17.95
C ALA A 368 -11.52 -28.29 -18.05
N VAL A 369 -10.36 -28.06 -18.67
CA VAL A 369 -9.73 -26.72 -18.65
C VAL A 369 -9.87 -26.07 -20.02
N ARG A 370 -10.26 -24.78 -20.01
CA ARG A 370 -10.48 -23.96 -21.18
C ARG A 370 -9.71 -22.64 -20.98
N THR A 371 -9.20 -22.02 -22.05
CA THR A 371 -8.60 -20.68 -21.96
C THR A 371 -9.46 -19.55 -22.58
N ARG A 372 -9.04 -18.30 -22.35
CA ARG A 372 -9.77 -17.16 -22.86
C ARG A 372 -9.52 -16.96 -24.35
N ARG A 373 -8.51 -17.64 -24.92
CA ARG A 373 -8.27 -17.55 -26.38
C ARG A 373 -8.90 -18.77 -27.09
N GLY A 374 -9.85 -19.39 -26.43
CA GLY A 374 -10.62 -20.49 -27.01
C GLY A 374 -9.98 -21.87 -27.02
N LYS A 375 -8.82 -22.04 -26.37
CA LYS A 375 -8.13 -23.34 -26.36
C LYS A 375 -8.84 -24.32 -25.44
N ASP A 376 -8.98 -25.58 -25.87
CA ASP A 376 -9.50 -26.65 -25.02
C ASP A 376 -8.31 -27.44 -24.48
N LEU A 377 -8.04 -27.30 -23.19
CA LEU A 377 -6.90 -28.03 -22.61
C LEU A 377 -7.35 -29.38 -22.06
N GLY A 378 -8.62 -29.70 -22.30
CA GLY A 378 -9.24 -30.98 -21.91
C GLY A 378 -9.24 -31.26 -20.41
N SER A 379 -9.32 -32.53 -20.05
CA SER A 379 -9.34 -32.96 -18.66
C SER A 379 -7.95 -32.85 -18.04
N MET A 380 -7.88 -32.32 -16.84
CA MET A 380 -6.62 -32.15 -16.12
C MET A 380 -6.83 -32.48 -14.66
N ASP A 381 -5.79 -33.00 -14.00
CA ASP A 381 -5.85 -33.23 -12.57
C ASP A 381 -5.73 -31.89 -11.86
N VAL A 382 -6.38 -31.77 -10.71
CA VAL A 382 -6.38 -30.48 -10.03
C VAL A 382 -4.99 -30.02 -9.59
N ASN A 383 -4.17 -30.96 -9.13
CA ASN A 383 -2.79 -30.69 -8.69
C ASN A 383 -1.87 -30.21 -9.82
N GLU A 384 -2.02 -30.81 -11.00
CA GLU A 384 -1.35 -30.34 -12.21
C GLU A 384 -1.75 -28.91 -12.52
N VAL A 385 -3.05 -28.62 -12.44
CA VAL A 385 -3.58 -27.28 -12.76
C VAL A 385 -3.02 -26.23 -11.80
N ILE A 386 -3.01 -26.58 -10.51
CA ILE A 386 -2.48 -25.72 -9.47
C ILE A 386 -0.97 -25.44 -9.68
N GLU A 387 -0.19 -26.49 -9.87
CA GLU A 387 1.27 -26.36 -10.02
C GLU A 387 1.67 -25.50 -11.19
N LYS A 388 1.04 -25.71 -12.35
CA LYS A 388 1.36 -24.96 -13.57
C LYS A 388 0.98 -23.49 -13.45
N LEU A 389 -0.13 -23.19 -12.78
CA LEU A 389 -0.53 -21.78 -12.53
C LEU A 389 0.42 -21.12 -11.55
N GLN A 390 0.78 -21.83 -10.47
CA GLN A 390 1.78 -21.31 -9.54
C GLN A 390 3.11 -20.96 -10.21
N GLN A 391 3.55 -21.82 -11.12
CA GLN A 391 4.75 -21.55 -11.91
C GLN A 391 4.66 -20.32 -12.81
N GLU A 392 3.53 -20.19 -13.52
CA GLU A 392 3.18 -19.02 -14.39
C GLU A 392 3.21 -17.72 -13.63
N ILE A 393 2.69 -17.77 -12.41
CA ILE A 393 2.57 -16.56 -11.61
C ILE A 393 3.93 -16.16 -11.01
N ARG A 394 4.59 -17.14 -10.39
CA ARG A 394 5.92 -16.98 -9.81
C ARG A 394 6.97 -16.36 -10.75
N SER A 395 6.92 -16.83 -12.00
CA SER A 395 7.84 -16.43 -13.03
C SER A 395 7.38 -15.17 -13.79
N ARG A 396 6.20 -14.65 -13.42
CA ARG A 396 5.58 -13.49 -14.09
C ARG A 396 5.64 -13.67 -15.63
N SER A 397 5.31 -14.88 -16.10
CA SER A 397 5.34 -15.16 -17.52
C SER A 397 4.34 -14.31 -18.35
N LEU A 398 4.81 -13.80 -19.49
CA LEU A 398 3.96 -13.00 -20.40
C LEU A 398 2.82 -13.74 -21.08
N LYS A 399 3.10 -14.97 -21.50
CA LYS A 399 2.10 -15.74 -22.27
C LYS A 399 1.59 -16.93 -21.46
N GLN A 400 0.42 -17.41 -21.82
CA GLN A 400 -0.19 -18.60 -21.23
C GLN A 400 0.52 -19.87 -21.69
N LEU A 401 -0.13 -21.01 -21.46
CA LEU A 401 0.48 -22.32 -21.65
C LEU A 401 0.75 -22.69 -23.10
N GLU A 402 1.99 -23.13 -23.36
CA GLU A 402 2.37 -23.86 -24.60
C GLU A 402 2.67 -23.07 -25.89
N GLU A 403 2.24 -21.81 -25.97
CA GLU A 403 2.29 -21.07 -27.25
C GLU A 403 3.70 -20.61 -27.70
N LEU A 404 3.76 -19.90 -28.82
CA LEU A 404 5.01 -19.39 -29.40
C LEU A 404 5.65 -18.31 -28.53
N ARG B 3 5.71 2.65 29.60
CA ARG B 3 6.66 2.83 28.46
C ARG B 3 6.04 3.48 27.23
N ASP B 4 6.45 4.70 26.97
CA ASP B 4 5.88 5.59 25.94
C ASP B 4 6.23 5.15 24.50
N HIS B 5 5.22 5.03 23.62
CA HIS B 5 5.45 4.69 22.18
C HIS B 5 6.31 5.69 21.48
N ARG B 6 6.26 6.94 21.92
CA ARG B 6 7.07 8.03 21.34
C ARG B 6 8.57 7.85 21.56
N LYS B 7 8.97 7.52 22.79
CA LYS B 7 10.36 7.20 23.08
C LYS B 7 10.84 5.92 22.40
N ILE B 8 10.04 4.85 22.50
CA ILE B 8 10.35 3.58 21.84
C ILE B 8 10.45 3.75 20.31
N GLY B 9 9.54 4.56 19.75
CA GLY B 9 9.56 4.91 18.34
C GLY B 9 10.91 5.47 17.90
N LYS B 10 11.45 6.39 18.69
CA LYS B 10 12.79 6.96 18.45
C LYS B 10 13.91 5.91 18.57
N GLN B 11 13.87 5.10 19.64
CA GLN B 11 14.91 4.08 19.88
C GLN B 11 15.02 2.99 18.84
N LEU B 12 13.90 2.60 18.24
CA LEU B 12 13.87 1.55 17.25
C LEU B 12 13.86 2.15 15.84
N ASP B 13 13.96 3.48 15.75
CA ASP B 13 13.96 4.23 14.50
C ASP B 13 12.73 3.93 13.64
N LEU B 14 11.55 3.86 14.26
CA LEU B 14 10.32 3.53 13.51
C LEU B 14 9.70 4.68 12.72
N TYR B 15 9.79 5.91 13.27
CA TYR B 15 9.11 7.06 12.66
C TYR B 15 9.62 8.35 13.28
N HIS B 16 9.22 9.49 12.72
CA HIS B 16 9.41 10.76 13.43
C HIS B 16 8.33 11.73 13.08
N MET B 17 8.12 12.71 13.96
CA MET B 17 7.34 13.91 13.62
C MET B 17 8.18 15.21 13.75
N GLN B 18 7.75 16.25 13.03
CA GLN B 18 8.37 17.60 13.06
C GLN B 18 7.31 18.68 13.13
N GLU B 19 7.73 19.85 13.59
CA GLU B 19 6.85 21.03 13.60
C GLU B 19 6.37 21.50 12.23
N GLU B 20 7.09 21.14 11.17
CA GLU B 20 6.66 21.49 9.81
C GLU B 20 5.38 20.74 9.35
N ALA B 21 4.99 19.67 10.06
CA ALA B 21 3.76 18.93 9.71
C ALA B 21 3.12 18.31 10.95
N PRO B 22 2.42 19.14 11.76
CA PRO B 22 1.94 18.66 13.04
C PRO B 22 0.94 17.53 12.80
N GLY B 23 1.14 16.39 13.48
CA GLY B 23 0.16 15.30 13.34
C GLY B 23 0.25 14.55 12.01
N MET B 24 1.42 14.65 11.38
CA MET B 24 1.73 13.92 10.14
C MET B 24 2.98 13.08 10.38
N VAL B 25 2.84 11.78 10.19
CA VAL B 25 3.91 10.86 10.56
C VAL B 25 4.84 10.71 9.37
N PHE B 26 6.17 10.73 9.61
CA PHE B 26 7.16 10.25 8.63
C PHE B 26 7.53 8.83 9.04
N TRP B 27 7.15 7.82 8.23
CA TRP B 27 7.48 6.42 8.54
C TRP B 27 8.85 6.08 8.02
N HIS B 28 9.76 5.80 8.93
CA HIS B 28 11.08 5.27 8.54
C HIS B 28 10.95 3.83 8.11
N ASN B 29 12.04 3.28 7.58
CA ASN B 29 11.95 1.94 6.97
C ASN B 29 11.31 0.94 7.95
N ASP B 30 11.88 0.89 9.15
CA ASP B 30 11.47 -0.12 10.11
C ASP B 30 10.01 0.03 10.56
N GLY B 31 9.53 1.27 10.69
CA GLY B 31 8.14 1.50 11.05
C GLY B 31 7.16 1.19 9.91
N TRP B 32 7.59 1.54 8.70
CA TRP B 32 6.84 1.23 7.53
C TRP B 32 6.74 -0.29 7.39
N THR B 33 7.83 -0.99 7.68
CA THR B 33 7.80 -2.49 7.73
C THR B 33 6.62 -3.05 8.55
N ILE B 34 6.47 -2.52 9.79
CA ILE B 34 5.37 -2.90 10.69
C ILE B 34 4.02 -2.58 10.05
N PHE B 35 3.82 -1.32 9.65
CA PHE B 35 2.61 -0.90 8.91
C PHE B 35 2.20 -1.91 7.81
N ARG B 36 3.15 -2.25 6.94
CA ARG B 36 2.95 -3.19 5.85
C ARG B 36 2.57 -4.57 6.30
N GLU B 37 3.17 -5.11 7.36
CA GLU B 37 2.71 -6.42 7.90
C GLU B 37 1.27 -6.41 8.37
N LEU B 38 0.88 -5.28 9.02
CA LEU B 38 -0.47 -5.13 9.46
C LEU B 38 -1.44 -5.17 8.28
N GLU B 39 -1.04 -4.55 7.15
CA GLU B 39 -1.86 -4.57 5.91
C GLU B 39 -2.00 -6.01 5.36
N VAL B 40 -0.89 -6.72 5.32
CA VAL B 40 -0.89 -8.19 4.96
C VAL B 40 -1.86 -9.00 5.83
N PHE B 41 -1.79 -8.79 7.15
CA PHE B 41 -2.63 -9.48 8.10
C PHE B 41 -4.09 -9.16 7.88
N VAL B 42 -4.42 -7.87 7.72
CA VAL B 42 -5.79 -7.44 7.44
C VAL B 42 -6.33 -8.08 6.16
N ARG B 43 -5.54 -8.04 5.08
CA ARG B 43 -5.82 -8.70 3.78
C ARG B 43 -6.13 -10.18 3.91
N SER B 44 -5.38 -10.91 4.74
CA SER B 44 -5.64 -12.33 4.93
C SER B 44 -7.02 -12.52 5.57
N LYS B 45 -7.36 -11.69 6.56
CA LYS B 45 -8.60 -11.87 7.30
C LYS B 45 -9.81 -11.50 6.47
N LEU B 46 -9.67 -10.48 5.63
CA LEU B 46 -10.76 -10.05 4.77
C LEU B 46 -10.98 -10.91 3.53
N LYS B 47 -9.94 -11.66 3.15
CA LYS B 47 -10.08 -12.63 2.08
C LYS B 47 -11.08 -13.70 2.51
N GLU B 48 -10.96 -14.18 3.75
CA GLU B 48 -11.93 -15.22 4.19
C GLU B 48 -13.37 -14.71 4.30
N TYR B 49 -13.56 -13.38 4.28
CA TYR B 49 -14.90 -12.81 4.38
C TYR B 49 -15.37 -12.20 3.03
N GLN B 50 -14.62 -12.46 1.96
CA GLN B 50 -14.93 -12.06 0.59
C GLN B 50 -15.00 -10.53 0.31
N TYR B 51 -14.42 -9.72 1.20
CA TYR B 51 -14.41 -8.28 0.97
C TYR B 51 -13.69 -7.94 -0.30
N GLN B 52 -14.19 -6.97 -1.05
CA GLN B 52 -13.40 -6.40 -2.12
C GLN B 52 -12.46 -5.44 -1.43
N GLU B 53 -11.45 -5.00 -2.18
CA GLU B 53 -10.58 -3.90 -1.74
C GLU B 53 -10.48 -2.85 -2.83
N VAL B 54 -10.74 -1.60 -2.47
CA VAL B 54 -10.77 -0.52 -3.41
C VAL B 54 -9.78 0.61 -3.03
N LYS B 55 -9.73 1.66 -3.84
CA LYS B 55 -9.01 2.91 -3.45
C LYS B 55 -9.72 4.12 -4.08
N GLY B 56 -10.14 5.08 -3.22
CA GLY B 56 -10.81 6.29 -3.65
C GLY B 56 -9.98 7.57 -3.64
N PRO B 57 -10.46 8.61 -4.30
CA PRO B 57 -9.68 9.83 -4.39
C PRO B 57 -9.42 10.56 -3.03
N PHE B 58 -8.32 11.28 -3.00
CA PHE B 58 -7.81 12.00 -1.84
C PHE B 58 -8.68 13.22 -1.55
N MET B 59 -9.24 13.79 -2.62
CA MET B 59 -10.18 14.90 -2.45
C MET B 59 -11.33 14.77 -3.43
N MET B 60 -12.45 15.35 -3.01
CA MET B 60 -13.65 15.50 -3.87
C MET B 60 -14.32 16.83 -3.67
N ASP B 61 -15.12 17.23 -4.68
CA ASP B 61 -15.78 18.55 -4.75
C ASP B 61 -16.64 18.82 -3.51
N ARG B 62 -16.48 20.01 -2.94
CA ARG B 62 -17.34 20.53 -1.85
C ARG B 62 -18.83 20.20 -2.05
N VAL B 63 -19.29 20.20 -3.30
CA VAL B 63 -20.69 19.90 -3.61
C VAL B 63 -21.09 18.51 -3.08
N LEU B 64 -20.22 17.53 -3.31
CA LEU B 64 -20.46 16.16 -2.81
C LEU B 64 -20.50 16.12 -1.29
N TRP B 65 -19.56 16.80 -0.62
CA TRP B 65 -19.55 16.87 0.86
C TRP B 65 -20.71 17.59 1.49
N GLU B 66 -21.32 18.55 0.75
CA GLU B 66 -22.58 19.19 1.13
C GLU B 66 -23.76 18.19 1.11
N LYS B 67 -23.79 17.31 0.10
CA LYS B 67 -24.91 16.36 -0.04
C LYS B 67 -24.89 15.27 1.03
N THR B 68 -23.68 14.88 1.47
CA THR B 68 -23.52 13.83 2.48
C THR B 68 -23.84 14.36 3.86
N GLY B 69 -23.78 15.68 4.02
CA GLY B 69 -23.95 16.35 5.31
C GLY B 69 -22.65 16.65 6.03
N HIS B 70 -21.51 16.31 5.45
CA HIS B 70 -20.24 16.67 6.05
C HIS B 70 -20.01 18.14 6.13
N TRP B 71 -20.43 18.87 5.10
CA TRP B 71 -20.20 20.32 5.11
C TRP B 71 -20.89 21.03 6.27
N ASP B 72 -22.09 20.59 6.60
CA ASP B 72 -22.87 21.23 7.67
C ASP B 72 -22.49 20.72 9.07
N ASN B 73 -22.12 19.44 9.14
CA ASN B 73 -21.86 18.72 10.41
C ASN B 73 -20.40 18.42 10.72
N TYR B 74 -19.51 18.86 9.84
CA TYR B 74 -18.11 18.43 9.89
C TYR B 74 -17.12 19.48 9.31
N LYS B 75 -17.53 20.75 9.19
CA LYS B 75 -16.70 21.80 8.52
C LYS B 75 -15.29 22.16 9.09
N ASP B 76 -15.22 22.51 10.38
CA ASP B 76 -13.93 22.84 11.08
C ASP B 76 -12.93 21.68 11.07
N ALA B 77 -13.42 20.48 10.84
CA ALA B 77 -12.56 19.31 10.88
C ALA B 77 -12.02 18.96 9.49
N MET B 78 -12.44 19.67 8.45
CA MET B 78 -11.96 19.34 7.07
C MET B 78 -10.94 20.34 6.51
N PHE B 79 -9.90 19.80 5.86
CA PHE B 79 -8.95 20.62 5.16
C PHE B 79 -9.57 20.89 3.80
N THR B 80 -9.51 22.14 3.37
CA THR B 80 -9.97 22.48 2.02
C THR B 80 -8.90 23.07 1.12
N THR B 81 -9.09 22.92 -0.17
CA THR B 81 -8.19 23.48 -1.21
C THR B 81 -8.98 23.76 -2.50
N SER B 82 -8.39 24.51 -3.42
CA SER B 82 -9.12 24.98 -4.61
C SER B 82 -8.36 24.80 -5.92
N SER B 83 -9.11 24.57 -7.00
CA SER B 83 -8.53 24.56 -8.34
C SER B 83 -9.55 25.09 -9.31
N GLU B 84 -9.10 26.06 -10.10
CA GLU B 84 -9.92 26.61 -11.17
C GLU B 84 -11.29 27.03 -10.67
N ASN B 85 -11.27 27.73 -9.54
CA ASN B 85 -12.46 28.28 -8.90
C ASN B 85 -13.45 27.20 -8.44
N ARG B 86 -12.98 25.95 -8.26
CA ARG B 86 -13.83 24.94 -7.59
C ARG B 86 -13.20 24.55 -6.26
N GLU B 87 -14.00 24.24 -5.26
CA GLU B 87 -13.47 24.00 -3.93
C GLU B 87 -13.53 22.51 -3.56
N TYR B 88 -12.50 22.01 -2.89
CA TYR B 88 -12.47 20.55 -2.63
C TYR B 88 -12.21 20.36 -1.16
N CYS B 89 -12.76 19.30 -0.58
CA CYS B 89 -12.34 18.88 0.74
C CYS B 89 -11.40 17.72 0.57
N ILE B 90 -10.29 17.79 1.28
CA ILE B 90 -9.47 16.59 1.45
C ILE B 90 -10.25 15.55 2.32
N LYS B 91 -10.25 14.27 1.95
CA LYS B 91 -11.27 13.38 2.52
C LYS B 91 -11.03 13.16 4.01
N PRO B 92 -12.05 13.38 4.87
CA PRO B 92 -11.96 12.93 6.29
C PRO B 92 -12.41 11.48 6.55
N MET B 93 -13.07 10.91 5.54
CA MET B 93 -13.78 9.61 5.59
C MET B 93 -13.79 9.02 4.20
N ASN B 94 -13.89 7.67 4.12
CA ASN B 94 -13.86 6.99 2.84
C ASN B 94 -15.23 6.61 2.31
N CYS B 95 -16.26 6.78 3.14
CA CYS B 95 -17.65 6.27 2.84
C CYS B 95 -18.16 6.83 1.53
N PRO B 96 -18.13 8.17 1.36
CA PRO B 96 -18.65 8.76 0.09
C PRO B 96 -17.98 8.26 -1.18
N GLY B 97 -16.66 8.05 -1.14
CA GLY B 97 -15.96 7.42 -2.23
C GLY B 97 -16.42 5.99 -2.54
N HIS B 98 -16.66 5.21 -1.49
CA HIS B 98 -17.17 3.84 -1.71
C HIS B 98 -18.54 3.80 -2.33
N VAL B 99 -19.38 4.76 -1.95
CA VAL B 99 -20.74 4.86 -2.54
C VAL B 99 -20.66 5.24 -4.03
N GLN B 100 -19.69 6.08 -4.41
CA GLN B 100 -19.48 6.45 -5.81
C GLN B 100 -19.12 5.20 -6.64
N ILE B 101 -18.27 4.33 -6.09
CA ILE B 101 -17.96 3.03 -6.75
C ILE B 101 -19.20 2.09 -6.83
N PHE B 102 -19.93 1.99 -5.71
CA PHE B 102 -21.19 1.21 -5.69
C PHE B 102 -22.16 1.70 -6.77
N ASN B 103 -22.18 3.01 -6.99
CA ASN B 103 -23.10 3.68 -7.92
C ASN B 103 -22.76 3.45 -9.37
N GLN B 104 -21.63 2.80 -9.65
CA GLN B 104 -21.24 2.42 -11.02
C GLN B 104 -21.78 1.05 -11.40
N GLY B 105 -22.72 1.00 -12.32
CA GLY B 105 -23.32 -0.27 -12.70
C GLY B 105 -24.54 -0.61 -11.86
N LEU B 106 -25.48 -1.27 -12.52
CA LEU B 106 -26.73 -1.67 -11.89
C LEU B 106 -26.46 -2.80 -10.89
N LYS B 107 -26.99 -2.63 -9.67
CA LYS B 107 -26.80 -3.62 -8.62
C LYS B 107 -28.13 -4.26 -8.39
N SER B 108 -28.13 -5.51 -7.99
CA SER B 108 -29.37 -6.14 -7.59
C SER B 108 -29.18 -6.80 -6.23
N TYR B 109 -30.29 -7.28 -5.67
CA TYR B 109 -30.27 -8.00 -4.42
C TYR B 109 -29.25 -9.14 -4.46
N ARG B 110 -29.04 -9.70 -5.65
CA ARG B 110 -28.06 -10.79 -5.86
C ARG B 110 -26.63 -10.41 -5.48
N ASP B 111 -26.28 -9.13 -5.59
CA ASP B 111 -24.97 -8.57 -5.22
C ASP B 111 -24.79 -8.30 -3.73
N LEU B 112 -25.85 -8.47 -2.95
CA LEU B 112 -25.81 -8.10 -1.52
C LEU B 112 -25.79 -9.33 -0.65
N PRO B 113 -25.09 -9.26 0.51
CA PRO B 113 -24.26 -8.11 0.97
C PRO B 113 -22.98 -7.87 0.15
N LEU B 114 -22.67 -6.60 -0.10
CA LEU B 114 -21.46 -6.22 -0.81
C LEU B 114 -20.51 -5.56 0.18
N ARG B 115 -19.33 -6.16 0.45
CA ARG B 115 -18.43 -5.71 1.50
C ARG B 115 -17.23 -5.06 0.83
N MET B 116 -17.07 -3.76 1.08
CA MET B 116 -16.07 -2.98 0.31
C MET B 116 -15.03 -2.33 1.23
N ALA B 117 -13.79 -2.78 1.13
CA ALA B 117 -12.76 -2.33 2.05
C ALA B 117 -11.71 -1.48 1.35
N GLU B 118 -11.04 -0.66 2.15
CA GLU B 118 -10.02 0.27 1.68
C GLU B 118 -9.07 0.63 2.81
N PHE B 119 -7.77 0.59 2.54
CA PHE B 119 -6.87 1.25 3.50
C PHE B 119 -6.89 2.73 3.12
N GLY B 120 -7.77 3.48 3.79
CA GLY B 120 -8.12 4.83 3.38
C GLY B 120 -7.32 5.89 4.13
N SER B 121 -6.58 6.70 3.38
CA SER B 121 -5.77 7.74 3.94
C SER B 121 -6.65 8.96 3.99
N CYS B 122 -6.99 9.35 5.22
CA CYS B 122 -7.79 10.52 5.47
C CYS B 122 -7.05 11.61 6.25
N HIS B 123 -7.69 12.77 6.34
CA HIS B 123 -7.15 13.93 7.07
C HIS B 123 -8.26 14.63 7.78
N ARG B 124 -8.00 14.98 9.04
CA ARG B 124 -8.91 15.85 9.82
C ARG B 124 -8.10 16.95 10.48
N ASN B 125 -8.60 18.19 10.45
CA ASN B 125 -7.86 19.34 11.01
C ASN B 125 -7.99 19.37 12.55
N GLU B 126 -7.43 18.33 13.19
CA GLU B 126 -7.52 18.14 14.63
C GLU B 126 -6.87 19.33 15.32
N PRO B 127 -7.49 19.85 16.39
CA PRO B 127 -6.87 21.00 17.05
C PRO B 127 -5.44 20.67 17.51
N SER B 128 -4.49 21.60 17.34
CA SER B 128 -3.07 21.25 17.59
C SER B 128 -2.80 20.79 19.03
N GLY B 129 -3.55 21.33 19.99
CA GLY B 129 -3.36 20.98 21.40
C GLY B 129 -3.85 19.58 21.79
N SER B 130 -4.52 18.90 20.86
CA SER B 130 -5.08 17.58 21.13
C SER B 130 -4.26 16.46 20.46
N LEU B 131 -3.29 16.84 19.65
CA LEU B 131 -2.36 15.89 19.03
C LEU B 131 -1.47 15.22 20.08
N HIS B 132 -1.33 13.92 19.95
CA HIS B 132 -0.53 13.12 20.87
C HIS B 132 0.13 11.98 20.14
N GLY B 133 1.43 12.14 19.86
CA GLY B 133 2.23 11.05 19.23
C GLY B 133 1.52 10.40 18.03
N LEU B 134 1.49 9.06 18.02
CA LEU B 134 0.80 8.23 17.00
C LEU B 134 -0.70 8.02 17.29
N MET B 135 -1.07 8.25 18.55
CA MET B 135 -2.48 8.08 19.02
C MET B 135 -3.50 9.07 18.43
N ARG B 136 -3.12 10.33 18.39
CA ARG B 136 -3.95 11.38 17.74
C ARG B 136 -3.13 12.20 16.80
N VAL B 137 -3.39 11.94 15.52
CA VAL B 137 -2.69 12.55 14.36
C VAL B 137 -3.69 13.26 13.47
N ARG B 138 -3.21 14.09 12.55
CA ARG B 138 -4.06 14.75 11.55
C ARG B 138 -4.21 13.96 10.27
N GLY B 139 -3.13 13.33 9.83
CA GLY B 139 -3.19 12.39 8.71
C GLY B 139 -3.21 10.97 9.23
N PHE B 140 -4.29 10.23 8.91
CA PHE B 140 -4.43 8.84 9.42
C PHE B 140 -4.89 7.89 8.32
N THR B 141 -4.67 6.60 8.50
CA THR B 141 -5.09 5.60 7.56
C THR B 141 -6.04 4.64 8.31
N GLN B 142 -7.26 4.50 7.82
CA GLN B 142 -8.12 3.54 8.43
C GLN B 142 -8.15 2.14 7.73
N ASP B 143 -8.25 1.04 8.47
CA ASP B 143 -8.61 -0.23 7.85
C ASP B 143 -10.14 -0.24 7.66
N ASP B 144 -10.64 0.60 6.75
CA ASP B 144 -12.06 0.87 6.65
C ASP B 144 -12.80 -0.15 5.78
N ALA B 145 -14.11 -0.27 6.02
CA ALA B 145 -14.95 -0.91 5.01
C ALA B 145 -16.37 -0.43 5.19
N HIS B 146 -17.08 -0.48 4.07
CA HIS B 146 -18.52 -0.32 4.12
C HIS B 146 -19.18 -1.54 3.58
N ILE B 147 -20.25 -1.97 4.26
CA ILE B 147 -21.07 -3.08 3.84
C ILE B 147 -22.46 -2.59 3.42
N PHE B 148 -22.76 -2.82 2.15
CA PHE B 148 -24.04 -2.51 1.54
C PHE B 148 -24.95 -3.71 1.67
N CYS B 149 -26.11 -3.55 2.29
CA CYS B 149 -27.01 -4.74 2.55
C CYS B 149 -28.50 -4.40 2.68
N THR B 150 -29.32 -5.43 2.82
CA THR B 150 -30.75 -5.24 2.99
C THR B 150 -31.03 -5.17 4.50
N GLU B 151 -32.24 -4.71 4.83
CA GLU B 151 -32.75 -4.67 6.20
C GLU B 151 -32.59 -6.00 6.88
N GLU B 152 -32.94 -7.07 6.16
CA GLU B 152 -32.95 -8.42 6.72
C GLU B 152 -31.55 -8.96 7.01
N GLN B 153 -30.56 -8.41 6.31
CA GLN B 153 -29.14 -8.81 6.44
C GLN B 153 -28.34 -8.06 7.52
N ILE B 154 -28.91 -7.02 8.14
CA ILE B 154 -28.18 -6.19 9.12
C ILE B 154 -27.64 -7.08 10.24
N ARG B 155 -28.50 -7.91 10.83
CA ARG B 155 -28.08 -8.69 12.00
C ARG B 155 -26.84 -9.50 11.65
N ASP B 156 -26.94 -10.29 10.59
CA ASP B 156 -25.82 -11.14 10.18
C ASP B 156 -24.54 -10.38 9.93
N GLU B 157 -24.68 -9.25 9.26
CA GLU B 157 -23.46 -8.48 8.88
C GLU B 157 -22.84 -7.73 10.07
N VAL B 158 -23.67 -7.25 10.98
CA VAL B 158 -23.16 -6.65 12.22
C VAL B 158 -22.45 -7.72 13.07
N ASN B 159 -23.08 -8.88 13.20
CA ASN B 159 -22.45 -10.04 13.85
C ASN B 159 -21.12 -10.38 13.25
N GLY B 160 -21.05 -10.43 11.92
CA GLY B 160 -19.79 -10.69 11.22
C GLY B 160 -18.73 -9.65 11.53
N CYS B 161 -19.13 -8.39 11.70
CA CYS B 161 -18.09 -7.40 12.04
C CYS B 161 -17.58 -7.59 13.47
N ILE B 162 -18.52 -7.86 14.37
CA ILE B 162 -18.17 -8.06 15.79
C ILE B 162 -17.21 -9.25 15.91
N ARG B 163 -17.56 -10.37 15.30
CA ARG B 163 -16.68 -11.55 15.30
C ARG B 163 -15.29 -11.27 14.71
N LEU B 164 -15.22 -10.45 13.66
CA LEU B 164 -13.90 -10.07 13.08
C LEU B 164 -12.99 -9.29 14.04
N VAL B 165 -13.56 -8.32 14.76
CA VAL B 165 -12.84 -7.61 15.84
C VAL B 165 -12.26 -8.57 16.86
N TYR B 166 -13.06 -9.49 17.44
CA TYR B 166 -12.47 -10.36 18.50
C TYR B 166 -11.47 -11.36 17.93
N ASP B 167 -11.73 -11.84 16.70
CA ASP B 167 -10.85 -12.74 15.90
C ASP B 167 -9.44 -12.11 15.71
N MET B 168 -9.37 -11.00 14.99
CA MET B 168 -8.13 -10.22 14.87
C MET B 168 -7.46 -9.80 16.16
N TYR B 169 -8.23 -9.36 17.17
CA TYR B 169 -7.61 -8.92 18.43
C TYR B 169 -6.96 -10.05 19.22
N SER B 170 -7.52 -11.27 19.09
CA SER B 170 -6.94 -12.49 19.74
C SER B 170 -5.51 -12.75 19.30
N THR B 171 -5.20 -12.41 18.05
CA THR B 171 -3.87 -12.56 17.49
C THR B 171 -2.83 -11.76 18.24
N PHE B 172 -3.18 -10.55 18.69
CA PHE B 172 -2.28 -9.72 19.50
C PHE B 172 -2.41 -9.90 21.01
N GLY B 173 -3.43 -10.64 21.46
CA GLY B 173 -3.56 -10.95 22.88
C GLY B 173 -4.03 -9.87 23.85
N PHE B 174 -4.79 -8.87 23.36
CA PHE B 174 -5.39 -7.86 24.25
C PHE B 174 -6.28 -8.42 25.38
N GLU B 175 -6.06 -7.96 26.62
CA GLU B 175 -6.81 -8.48 27.74
C GLU B 175 -7.95 -7.57 28.15
N LYS B 176 -7.84 -6.30 27.78
CA LYS B 176 -8.78 -5.25 28.13
C LYS B 176 -9.38 -4.65 26.84
N ILE B 177 -10.58 -5.07 26.47
CA ILE B 177 -11.30 -4.49 25.31
C ILE B 177 -12.64 -3.95 25.81
N VAL B 178 -12.76 -2.63 25.93
CA VAL B 178 -13.97 -2.06 26.51
C VAL B 178 -14.99 -1.66 25.43
N VAL B 179 -16.19 -2.21 25.50
CA VAL B 179 -17.24 -1.92 24.48
C VAL B 179 -18.24 -0.79 24.89
N LYS B 180 -18.31 0.26 24.07
CA LYS B 180 -19.23 1.39 24.30
C LYS B 180 -20.23 1.40 23.15
N LEU B 181 -21.50 1.67 23.45
CA LEU B 181 -22.49 2.01 22.44
C LEU B 181 -22.73 3.52 22.45
N SER B 182 -22.35 4.19 21.35
CA SER B 182 -22.48 5.64 21.27
C SER B 182 -23.72 6.09 20.53
N THR B 183 -24.55 6.86 21.23
CA THR B 183 -25.89 7.19 20.78
C THR B 183 -25.95 8.60 20.18
N ARG B 184 -27.08 8.93 19.58
CA ARG B 184 -27.27 10.17 18.79
C ARG B 184 -26.63 11.41 19.39
N PRO B 185 -25.78 12.11 18.61
CA PRO B 185 -25.23 13.36 19.10
C PRO B 185 -26.22 14.52 18.93
N GLU B 186 -25.91 15.65 19.55
CA GLU B 186 -26.68 16.88 19.41
C GLU B 186 -26.83 17.31 17.93
N LYS B 187 -25.73 17.46 17.20
CA LYS B 187 -25.82 17.69 15.75
C LYS B 187 -25.73 16.39 14.94
N ARG B 188 -26.79 16.11 14.19
CA ARG B 188 -26.93 14.85 13.50
C ARG B 188 -27.90 14.95 12.31
N ILE B 189 -27.84 13.98 11.40
CA ILE B 189 -28.82 13.85 10.32
C ILE B 189 -29.70 12.60 10.54
N GLY B 190 -30.86 12.57 9.88
CA GLY B 190 -31.85 11.49 10.04
C GLY B 190 -32.91 11.74 11.12
N SER B 191 -34.06 11.09 11.01
CA SER B 191 -35.11 11.25 12.04
C SER B 191 -34.84 10.49 13.36
N ASP B 192 -35.57 10.87 14.40
CA ASP B 192 -35.50 10.22 15.70
C ASP B 192 -35.93 8.76 15.65
N GLU B 193 -36.85 8.45 14.73
CA GLU B 193 -37.32 7.09 14.46
C GLU B 193 -36.24 6.18 13.84
N MET B 194 -35.48 6.75 12.91
CA MET B 194 -34.32 6.05 12.33
C MET B 194 -33.29 5.76 13.43
N TRP B 195 -33.07 6.75 14.32
CA TRP B 195 -32.10 6.64 15.41
C TRP B 195 -32.53 5.69 16.50
N ASP B 196 -33.83 5.64 16.75
CA ASP B 196 -34.42 4.64 17.63
C ASP B 196 -34.13 3.24 17.12
N ARG B 197 -34.31 3.04 15.82
CA ARG B 197 -34.19 1.71 15.21
C ARG B 197 -32.70 1.33 15.01
N ALA B 198 -31.88 2.30 14.63
CA ALA B 198 -30.41 2.10 14.51
C ALA B 198 -29.78 1.72 15.83
N GLU B 199 -30.09 2.48 16.89
CA GLU B 199 -29.55 2.27 18.25
C GLU B 199 -30.01 0.91 18.81
N ALA B 200 -31.27 0.58 18.59
CA ALA B 200 -31.81 -0.74 18.96
C ALA B 200 -31.10 -1.90 18.26
N ASP B 201 -30.83 -1.78 16.96
CA ASP B 201 -30.19 -2.87 16.20
C ASP B 201 -28.82 -3.16 16.79
N LEU B 202 -28.09 -2.13 17.22
CA LEU B 202 -26.72 -2.32 17.70
C LEU B 202 -26.72 -2.89 19.11
N ALA B 203 -27.62 -2.40 19.98
CA ALA B 203 -27.75 -3.02 21.29
C ALA B 203 -28.23 -4.45 21.19
N VAL B 204 -29.19 -4.73 20.30
CA VAL B 204 -29.69 -6.08 20.11
C VAL B 204 -28.52 -7.00 19.71
N ALA B 205 -27.71 -6.54 18.76
CA ALA B 205 -26.51 -7.30 18.26
C ALA B 205 -25.50 -7.59 19.38
N LEU B 206 -25.18 -6.59 20.20
CA LEU B 206 -24.29 -6.86 21.36
C LEU B 206 -24.85 -7.91 22.32
N GLU B 207 -26.16 -7.83 22.55
CA GLU B 207 -26.82 -8.68 23.51
C GLU B 207 -26.91 -10.07 22.93
N GLU B 208 -27.05 -10.16 21.61
CA GLU B 208 -27.10 -11.48 20.97
C GLU B 208 -25.84 -12.25 21.06
N ASN B 209 -24.75 -11.55 21.17
CA ASN B 209 -23.48 -12.17 21.38
C ASN B 209 -23.06 -12.20 22.86
N ASN B 210 -23.95 -11.80 23.75
CA ASN B 210 -23.65 -11.83 25.18
C ASN B 210 -22.41 -10.97 25.50
N ILE B 211 -22.35 -9.76 24.94
CA ILE B 211 -21.20 -8.85 25.14
C ILE B 211 -21.53 -7.77 26.15
N PRO B 212 -20.82 -7.77 27.29
CA PRO B 212 -20.96 -6.69 28.29
C PRO B 212 -20.68 -5.33 27.62
N PHE B 213 -21.51 -4.34 27.89
CA PHE B 213 -21.28 -3.02 27.26
C PHE B 213 -21.88 -1.89 28.09
N GLU B 214 -21.34 -0.68 27.88
CA GLU B 214 -21.81 0.54 28.49
C GLU B 214 -22.26 1.50 27.40
N TYR B 215 -23.12 2.45 27.79
CA TYR B 215 -23.64 3.51 26.92
C TYR B 215 -22.71 4.71 27.03
N GLN B 216 -22.52 5.39 25.91
CA GLN B 216 -21.70 6.60 25.88
C GLN B 216 -22.60 7.58 25.15
N LEU B 217 -23.45 8.26 25.91
CA LEU B 217 -24.57 9.00 25.31
C LEU B 217 -24.02 10.20 24.52
N GLY B 218 -24.59 10.45 23.35
CA GLY B 218 -24.29 11.67 22.65
C GLY B 218 -22.99 11.73 21.89
N GLU B 219 -22.31 10.59 21.71
CA GLU B 219 -21.00 10.51 21.05
C GLU B 219 -20.96 9.73 19.75
N GLY B 220 -22.13 9.40 19.21
CA GLY B 220 -22.16 8.69 17.94
C GLY B 220 -21.86 9.70 16.86
N ALA B 221 -21.73 9.16 15.64
CA ALA B 221 -21.45 9.94 14.43
C ALA B 221 -22.69 10.72 14.02
N PHE B 222 -22.51 11.71 13.15
CA PHE B 222 -23.66 12.55 12.74
C PHE B 222 -24.70 11.76 11.94
N TYR B 223 -24.24 10.72 11.23
CA TYR B 223 -25.00 9.82 10.33
C TYR B 223 -25.52 8.54 11.01
N GLY B 224 -24.95 8.15 12.16
CA GLY B 224 -25.45 6.99 12.89
C GLY B 224 -24.74 6.59 14.19
N PRO B 225 -25.36 5.69 14.96
CA PRO B 225 -24.73 5.19 16.23
C PRO B 225 -23.52 4.32 15.97
N LYS B 226 -22.60 4.22 16.96
CA LYS B 226 -21.38 3.46 16.80
C LYS B 226 -21.22 2.52 17.95
N ILE B 227 -20.88 1.26 17.67
CA ILE B 227 -20.28 0.41 18.70
C ILE B 227 -18.79 0.81 18.67
N GLU B 228 -18.18 0.99 19.83
CA GLU B 228 -16.75 1.29 19.90
C GLU B 228 -16.05 0.18 20.68
N PHE B 229 -14.96 -0.33 20.10
CA PHE B 229 -14.06 -1.26 20.78
C PHE B 229 -12.79 -0.51 21.23
N THR B 230 -12.70 -0.35 22.56
CA THR B 230 -11.74 0.57 23.18
C THR B 230 -10.52 -0.16 23.69
N LEU B 231 -9.35 0.32 23.29
CA LEU B 231 -8.09 -0.21 23.81
C LEU B 231 -7.32 0.84 24.60
N TYR B 232 -6.38 0.38 25.43
CA TYR B 232 -5.80 1.22 26.48
C TYR B 232 -4.31 1.31 26.39
N ASP B 233 -3.77 2.50 26.63
CA ASP B 233 -2.31 2.68 26.53
C ASP B 233 -1.59 2.45 27.88
N CYS B 234 -0.27 2.61 27.93
CA CYS B 234 0.48 2.29 29.18
C CYS B 234 0.12 3.11 30.44
N LEU B 235 -0.53 4.26 30.24
CA LEU B 235 -1.08 5.07 31.34
C LEU B 235 -2.57 4.83 31.52
N ASP B 236 -3.10 3.83 30.81
CA ASP B 236 -4.54 3.47 30.88
C ASP B 236 -5.49 4.53 30.31
N ARG B 237 -4.98 5.30 29.37
CA ARG B 237 -5.86 6.19 28.61
C ARG B 237 -6.58 5.41 27.50
N ALA B 238 -7.86 5.70 27.35
CA ALA B 238 -8.71 5.01 26.37
C ALA B 238 -8.55 5.58 24.97
N TRP B 239 -8.51 4.68 23.99
CA TRP B 239 -8.45 5.03 22.57
C TRP B 239 -9.37 4.17 21.75
N GLN B 240 -10.29 4.78 20.99
CA GLN B 240 -11.16 4.01 20.11
C GLN B 240 -10.32 3.39 19.01
N CYS B 241 -10.54 2.10 18.80
CA CYS B 241 -9.83 1.34 17.83
C CYS B 241 -10.89 0.74 16.90
N GLY B 242 -11.35 -0.45 17.22
CA GLY B 242 -12.51 -1.01 16.48
C GLY B 242 -13.77 -0.19 16.57
N THR B 243 -14.50 -0.14 15.46
CA THR B 243 -15.82 0.48 15.45
C THR B 243 -16.82 -0.11 14.46
N VAL B 244 -18.09 -0.26 14.87
CA VAL B 244 -19.10 -0.77 13.98
C VAL B 244 -20.30 0.18 14.03
N GLN B 245 -20.71 0.68 12.88
CA GLN B 245 -21.75 1.78 12.79
C GLN B 245 -22.87 1.50 11.77
N LEU B 246 -24.05 2.00 12.08
CA LEU B 246 -25.25 1.69 11.32
C LEU B 246 -25.82 2.96 10.70
N ASP B 247 -25.89 2.99 9.37
CA ASP B 247 -26.17 4.21 8.57
C ASP B 247 -27.33 4.01 7.58
N PHE B 248 -28.46 4.67 7.87
CA PHE B 248 -29.65 4.64 7.03
C PHE B 248 -29.83 5.96 6.28
N SER B 249 -28.77 6.76 6.21
CA SER B 249 -28.88 8.13 5.71
C SER B 249 -28.07 8.39 4.47
N LEU B 250 -26.78 8.14 4.56
CA LEU B 250 -25.87 8.40 3.41
C LEU B 250 -26.26 7.73 2.09
N PRO B 251 -26.76 6.45 2.11
CA PRO B 251 -27.09 5.91 0.79
C PRO B 251 -28.19 6.66 0.04
N SER B 252 -29.22 7.14 0.75
CA SER B 252 -30.29 7.93 0.13
C SER B 252 -29.78 9.27 -0.37
N ARG B 253 -29.04 9.94 0.51
CA ARG B 253 -28.38 11.22 0.21
C ARG B 253 -27.50 11.16 -1.05
N LEU B 254 -26.90 10.01 -1.30
CA LEU B 254 -25.99 9.90 -2.44
C LEU B 254 -26.56 9.10 -3.63
N SER B 255 -27.87 8.89 -3.60
CA SER B 255 -28.60 8.13 -4.64
C SER B 255 -28.13 6.68 -4.86
N ALA B 256 -27.86 5.93 -3.79
CA ALA B 256 -27.46 4.51 -3.99
C ALA B 256 -28.73 3.66 -3.96
N SER B 257 -28.77 2.61 -4.77
CA SER B 257 -29.97 1.79 -4.92
C SER B 257 -29.64 0.46 -5.60
N TYR B 258 -30.61 -0.44 -5.58
CA TYR B 258 -30.47 -1.79 -6.12
C TYR B 258 -31.84 -2.35 -6.41
N VAL B 259 -31.91 -3.24 -7.41
CA VAL B 259 -33.15 -3.92 -7.80
C VAL B 259 -33.46 -5.11 -6.91
N GLY B 260 -34.48 -4.97 -6.07
CA GLY B 260 -34.83 -6.00 -5.09
C GLY B 260 -35.33 -7.31 -5.66
N GLU B 261 -35.75 -8.18 -4.74
CA GLU B 261 -36.36 -9.47 -5.02
C GLU B 261 -37.55 -9.29 -5.99
N ASP B 262 -38.35 -8.25 -5.78
CA ASP B 262 -39.63 -8.04 -6.48
C ASP B 262 -39.61 -6.91 -7.52
N ASN B 263 -38.43 -6.62 -8.04
CA ASN B 263 -38.20 -5.61 -9.10
C ASN B 263 -38.53 -4.13 -8.83
N GLU B 264 -38.80 -3.81 -7.57
CA GLU B 264 -38.87 -2.42 -7.13
C GLU B 264 -37.43 -1.96 -6.78
N ARG B 265 -37.16 -0.69 -6.99
CA ARG B 265 -35.90 -0.07 -6.57
C ARG B 265 -35.86 0.02 -5.04
N LYS B 266 -34.72 -0.35 -4.44
CA LYS B 266 -34.52 -0.11 -3.01
C LYS B 266 -33.19 0.56 -2.71
N VAL B 267 -33.15 1.29 -1.61
CA VAL B 267 -31.92 1.91 -1.10
C VAL B 267 -31.27 0.88 -0.16
N PRO B 268 -29.95 0.61 -0.30
CA PRO B 268 -29.35 -0.31 0.69
C PRO B 268 -29.04 0.36 2.03
N VAL B 269 -28.92 -0.45 3.07
CA VAL B 269 -28.39 -0.03 4.36
C VAL B 269 -26.84 -0.06 4.22
N MET B 270 -26.16 0.89 4.86
CA MET B 270 -24.69 0.83 5.01
C MET B 270 -24.26 0.59 6.47
N ILE B 271 -23.36 -0.38 6.62
CA ILE B 271 -22.64 -0.58 7.84
C ILE B 271 -21.21 -0.07 7.60
N HIS B 272 -20.77 0.84 8.45
CA HIS B 272 -19.34 1.29 8.51
C HIS B 272 -18.61 0.49 9.54
N ARG B 273 -17.39 0.09 9.25
CA ARG B 273 -16.55 -0.55 10.29
C ARG B 273 -15.06 -0.42 10.00
N ALA B 274 -14.29 -0.33 11.07
CA ALA B 274 -12.82 -0.46 11.03
C ALA B 274 -12.46 -1.40 12.17
N ILE B 275 -11.56 -2.33 11.90
CA ILE B 275 -11.14 -3.31 12.93
C ILE B 275 -10.01 -2.78 13.82
N LEU B 276 -8.87 -2.49 13.19
CA LEU B 276 -7.73 -1.88 13.88
C LEU B 276 -7.95 -0.41 14.23
N GLY B 277 -8.59 0.31 13.30
CA GLY B 277 -9.07 1.67 13.58
C GLY B 277 -8.33 2.65 12.72
N SER B 278 -7.36 3.33 13.32
CA SER B 278 -6.28 4.04 12.62
C SER B 278 -5.03 3.16 12.68
N MET B 279 -4.30 3.02 11.58
CA MET B 279 -3.10 2.21 11.55
C MET B 279 -2.03 2.83 12.46
N GLU B 280 -2.03 4.17 12.52
CA GLU B 280 -1.09 4.93 13.32
C GLU B 280 -1.39 4.67 14.80
N ARG B 281 -2.64 4.80 15.18
CA ARG B 281 -3.08 4.63 16.59
C ARG B 281 -2.84 3.20 17.02
N PHE B 282 -3.21 2.26 16.15
CA PHE B 282 -2.96 0.84 16.45
C PHE B 282 -1.47 0.51 16.66
N ILE B 283 -0.59 1.03 15.80
CA ILE B 283 0.87 0.89 16.03
C ILE B 283 1.34 1.49 17.38
N GLY B 284 0.93 2.72 17.67
CA GLY B 284 1.07 3.27 19.03
C GLY B 284 0.66 2.29 20.13
N ILE B 285 -0.55 1.74 20.04
CA ILE B 285 -1.08 0.74 21.04
C ILE B 285 -0.22 -0.50 21.14
N LEU B 286 0.12 -1.08 19.97
CA LEU B 286 1.01 -2.27 19.90
C LEU B 286 2.41 -1.95 20.45
N THR B 287 2.91 -0.74 20.14
CA THR B 287 4.25 -0.37 20.65
C THR B 287 4.31 -0.39 22.17
N GLU B 288 3.28 0.14 22.82
CA GLU B 288 3.24 0.15 24.28
C GLU B 288 2.83 -1.20 24.88
N GLU B 289 1.88 -1.89 24.23
CA GLU B 289 1.44 -3.22 24.64
C GLU B 289 2.60 -4.19 24.78
N PHE B 290 3.52 -4.19 23.81
CA PHE B 290 4.68 -5.08 23.75
C PHE B 290 5.94 -4.42 24.25
N ALA B 291 5.86 -3.16 24.65
CA ALA B 291 7.06 -2.44 25.08
C ALA B 291 8.19 -2.52 24.06
N GLY B 292 7.87 -2.56 22.78
CA GLY B 292 8.88 -2.65 21.75
C GLY B 292 9.24 -4.04 21.30
N PHE B 293 8.95 -5.06 22.11
CA PHE B 293 9.31 -6.43 21.77
C PHE B 293 8.23 -7.00 20.88
N PHE B 294 8.15 -6.51 19.62
CA PHE B 294 7.09 -6.95 18.70
C PHE B 294 7.25 -8.45 18.48
N PRO B 295 6.14 -9.20 18.39
CA PRO B 295 6.21 -10.60 17.99
C PRO B 295 7.04 -10.77 16.72
N THR B 296 7.67 -11.93 16.56
CA THR B 296 8.52 -12.16 15.39
C THR B 296 7.89 -11.75 14.05
N TRP B 297 6.58 -11.99 13.85
CA TRP B 297 6.01 -11.76 12.51
C TRP B 297 5.95 -10.29 12.13
N LEU B 298 5.80 -9.42 13.15
CA LEU B 298 5.79 -7.97 13.01
C LEU B 298 7.16 -7.29 13.18
N ALA B 299 8.15 -8.00 13.69
CA ALA B 299 9.41 -7.29 14.03
C ALA B 299 10.12 -6.78 12.77
N PRO B 300 10.54 -5.49 12.71
CA PRO B 300 10.99 -4.93 11.43
C PRO B 300 12.20 -5.70 10.86
N VAL B 301 13.13 -6.06 11.75
CA VAL B 301 14.25 -6.97 11.46
C VAL B 301 14.09 -8.21 12.36
N GLN B 302 13.87 -9.39 11.75
CA GLN B 302 13.59 -10.61 12.49
C GLN B 302 14.85 -11.30 13.01
N VAL B 303 15.94 -11.19 12.22
CA VAL B 303 17.23 -11.84 12.48
C VAL B 303 18.42 -10.92 12.13
N VAL B 304 19.36 -10.78 13.06
CA VAL B 304 20.67 -10.22 12.68
C VAL B 304 21.77 -11.28 12.78
N ILE B 305 22.55 -11.42 11.70
CA ILE B 305 23.72 -12.33 11.63
C ILE B 305 25.05 -11.53 11.73
N MET B 306 25.93 -11.92 12.66
CA MET B 306 27.13 -11.13 12.94
C MET B 306 28.38 -11.97 12.84
N ASN B 307 29.47 -11.35 12.39
CA ASN B 307 30.80 -11.98 12.46
C ASN B 307 31.59 -11.51 13.69
N ILE B 308 32.71 -12.18 13.95
CA ILE B 308 33.67 -11.69 14.93
C ILE B 308 34.74 -10.87 14.20
N THR B 309 35.28 -11.44 13.12
CA THR B 309 36.30 -10.78 12.31
C THR B 309 35.97 -10.95 10.82
N ASP B 310 36.69 -10.20 9.99
CA ASP B 310 36.60 -10.32 8.52
C ASP B 310 36.67 -11.76 8.00
N SER B 311 37.24 -12.66 8.80
CA SER B 311 37.46 -14.06 8.43
C SER B 311 36.16 -14.86 8.19
N GLN B 312 35.06 -14.41 8.78
CA GLN B 312 33.76 -15.12 8.65
C GLN B 312 32.74 -14.42 7.71
N SER B 313 33.14 -13.29 7.11
CA SER B 313 32.23 -12.48 6.27
C SER B 313 31.52 -13.28 5.19
N GLU B 314 32.29 -14.01 4.38
CA GLU B 314 31.78 -14.84 3.29
C GLU B 314 30.63 -15.74 3.77
N TYR B 315 30.84 -16.38 4.93
CA TYR B 315 29.84 -17.26 5.59
C TYR B 315 28.58 -16.52 6.09
N VAL B 316 28.79 -15.36 6.69
CA VAL B 316 27.67 -14.53 7.15
C VAL B 316 26.84 -14.09 5.93
N ASN B 317 27.50 -13.69 4.85
CA ASN B 317 26.82 -13.35 3.60
C ASN B 317 26.09 -14.53 2.99
N GLU B 318 26.69 -15.71 3.17
CA GLU B 318 26.10 -16.95 2.70
C GLU B 318 24.78 -17.21 3.40
N LEU B 319 24.78 -17.14 4.72
CA LEU B 319 23.55 -17.41 5.47
C LEU B 319 22.53 -16.28 5.33
N THR B 320 23.01 -15.04 5.21
CA THR B 320 22.12 -13.86 5.08
C THR B 320 21.28 -13.96 3.80
N GLN B 321 21.90 -14.36 2.69
CA GLN B 321 21.13 -14.61 1.45
C GLN B 321 20.24 -15.85 1.57
N LYS B 322 20.71 -16.89 2.26
CA LYS B 322 19.88 -18.08 2.48
C LYS B 322 18.60 -17.79 3.29
N LEU B 323 18.73 -17.08 4.41
CA LEU B 323 17.54 -16.73 5.22
C LEU B 323 16.61 -15.78 4.47
N SER B 324 17.20 -14.81 3.80
CA SER B 324 16.43 -13.84 3.01
C SER B 324 15.60 -14.57 1.97
N ASN B 325 16.23 -15.53 1.28
CA ASN B 325 15.53 -16.31 0.26
C ASN B 325 14.42 -17.18 0.81
N ALA B 326 14.47 -17.46 2.13
CA ALA B 326 13.44 -18.23 2.80
C ALA B 326 12.30 -17.33 3.34
N GLY B 327 12.33 -16.03 2.98
CA GLY B 327 11.34 -15.06 3.42
C GLY B 327 11.56 -14.36 4.76
N ILE B 328 12.70 -14.57 5.41
CA ILE B 328 12.98 -14.00 6.71
C ILE B 328 13.61 -12.60 6.59
N ARG B 329 13.21 -11.67 7.45
CA ARG B 329 13.77 -10.29 7.40
C ARG B 329 15.08 -10.30 8.15
N VAL B 330 16.17 -10.39 7.38
CA VAL B 330 17.49 -10.66 7.95
C VAL B 330 18.46 -9.56 7.51
N LYS B 331 19.38 -9.21 8.40
CA LYS B 331 20.43 -8.29 8.05
C LYS B 331 21.75 -8.86 8.57
N ALA B 332 22.80 -8.65 7.80
CA ALA B 332 24.20 -8.93 8.20
C ALA B 332 24.89 -7.77 8.92
N ASP B 333 25.51 -8.04 10.07
CA ASP B 333 26.35 -7.04 10.71
C ASP B 333 27.81 -7.50 10.60
N LEU B 334 28.53 -6.82 9.71
CA LEU B 334 29.91 -7.16 9.32
C LEU B 334 30.96 -6.23 9.94
N ARG B 335 30.53 -5.35 10.84
CA ARG B 335 31.36 -4.24 11.31
C ARG B 335 32.57 -4.67 12.14
N ASN B 336 33.64 -3.89 12.01
CA ASN B 336 34.83 -4.01 12.83
C ASN B 336 34.57 -3.52 14.27
N GLU B 337 33.49 -4.02 14.86
CA GLU B 337 33.12 -3.72 16.24
C GLU B 337 33.19 -5.01 17.08
N LYS B 338 33.43 -4.85 18.38
CA LYS B 338 33.48 -5.98 19.31
C LYS B 338 32.14 -6.69 19.37
N ILE B 339 32.16 -8.00 19.58
CA ILE B 339 30.92 -8.79 19.59
C ILE B 339 29.88 -8.36 20.65
N GLY B 340 30.36 -7.89 21.80
CA GLY B 340 29.49 -7.35 22.86
C GLY B 340 28.85 -5.99 22.61
N PHE B 341 29.48 -5.18 21.77
CA PHE B 341 28.92 -3.90 21.24
C PHE B 341 27.80 -4.24 20.26
N LYS B 342 28.07 -5.23 19.39
CA LYS B 342 27.09 -5.65 18.37
C LYS B 342 25.84 -6.22 19.04
N ILE B 343 26.02 -7.14 20.01
CA ILE B 343 24.90 -7.76 20.71
C ILE B 343 24.07 -6.71 21.42
N ARG B 344 24.69 -5.67 21.93
CA ARG B 344 23.94 -4.71 22.72
C ARG B 344 23.04 -3.82 21.87
N GLU B 345 23.53 -3.42 20.69
CA GLU B 345 22.77 -2.60 19.73
C GLU B 345 21.49 -3.33 19.27
N HIS B 346 21.65 -4.58 18.90
CA HIS B 346 20.56 -5.41 18.38
C HIS B 346 19.61 -5.84 19.48
N THR B 347 20.12 -5.99 20.70
CA THR B 347 19.21 -6.20 21.87
C THR B 347 18.32 -4.96 22.10
N LEU B 348 18.97 -3.79 22.06
CA LEU B 348 18.28 -2.53 22.25
C LEU B 348 17.26 -2.30 21.13
N ARG B 349 17.60 -2.73 19.91
CA ARG B 349 16.70 -2.61 18.74
C ARG B 349 15.57 -3.64 18.76
N ARG B 350 15.59 -4.50 19.78
CA ARG B 350 14.59 -5.56 19.92
C ARG B 350 14.50 -6.60 18.81
N VAL B 351 15.64 -6.95 18.26
CA VAL B 351 15.69 -7.94 17.16
C VAL B 351 15.50 -9.33 17.75
N PRO B 352 14.37 -10.03 17.41
CA PRO B 352 14.11 -11.32 18.04
C PRO B 352 15.33 -12.25 18.10
N TYR B 353 16.07 -12.42 17.01
CA TYR B 353 17.18 -13.39 17.05
C TYR B 353 18.52 -12.93 16.52
N MET B 354 19.54 -13.21 17.29
CA MET B 354 20.90 -12.90 16.88
C MET B 354 21.70 -14.18 16.65
N LEU B 355 22.26 -14.29 15.45
CA LEU B 355 23.03 -15.47 15.03
C LEU B 355 24.46 -15.03 14.87
N VAL B 356 25.32 -15.55 15.76
CA VAL B 356 26.75 -15.19 15.87
C VAL B 356 27.61 -16.22 15.12
N CYS B 357 28.59 -15.74 14.34
CA CYS B 357 29.42 -16.64 13.53
C CYS B 357 30.92 -16.38 13.71
N GLY B 358 31.57 -17.26 14.47
CA GLY B 358 33.04 -17.31 14.55
C GLY B 358 33.62 -18.43 13.72
N ASP B 359 34.94 -18.63 13.83
CA ASP B 359 35.64 -19.73 13.14
C ASP B 359 34.98 -21.09 13.32
N LYS B 360 34.60 -21.38 14.57
CA LYS B 360 33.91 -22.61 14.93
C LYS B 360 32.66 -22.91 14.10
N GLU B 361 31.81 -21.89 13.90
CA GLU B 361 30.54 -22.05 13.18
C GLU B 361 30.76 -22.23 11.67
N VAL B 362 31.80 -21.58 11.14
CA VAL B 362 32.18 -21.71 9.73
C VAL B 362 32.58 -23.14 9.34
N GLU B 363 33.27 -23.84 10.23
CA GLU B 363 33.67 -25.25 10.03
C GLU B 363 32.49 -26.20 10.20
N SER B 364 31.71 -25.99 11.25
CA SER B 364 30.58 -26.86 11.59
C SER B 364 29.38 -26.64 10.67
N GLY B 365 29.27 -25.46 10.07
CA GLY B 365 28.13 -25.09 9.26
C GLY B 365 26.88 -24.83 10.10
N LYS B 366 27.10 -24.47 11.36
CA LYS B 366 26.00 -24.14 12.30
C LYS B 366 26.02 -22.65 12.64
N VAL B 367 25.16 -22.26 13.59
CA VAL B 367 25.10 -20.89 14.13
C VAL B 367 24.86 -20.87 15.64
N ALA B 368 25.56 -19.97 16.34
CA ALA B 368 25.30 -19.63 17.75
C ALA B 368 24.17 -18.61 17.83
N VAL B 369 23.14 -18.95 18.60
CA VAL B 369 21.85 -18.25 18.52
C VAL B 369 21.53 -17.64 19.89
N ARG B 370 21.23 -16.34 19.90
CA ARG B 370 20.85 -15.65 21.12
C ARG B 370 19.60 -14.81 20.83
N THR B 371 18.73 -14.65 21.83
CA THR B 371 17.49 -13.88 21.69
C THR B 371 17.62 -12.52 22.35
N ARG B 372 16.78 -11.58 21.91
CA ARG B 372 16.67 -10.25 22.50
C ARG B 372 16.34 -10.24 24.00
N ARG B 373 15.86 -11.36 24.55
CA ARG B 373 15.70 -11.50 26.01
C ARG B 373 17.00 -11.96 26.72
N GLY B 374 18.10 -12.03 25.98
CA GLY B 374 19.40 -12.42 26.53
C GLY B 374 19.54 -13.91 26.80
N LYS B 375 18.62 -14.71 26.28
CA LYS B 375 18.68 -16.14 26.48
C LYS B 375 19.64 -16.75 25.46
N ASP B 376 20.52 -17.65 25.93
CA ASP B 376 21.43 -18.37 25.03
C ASP B 376 20.73 -19.63 24.55
N LEU B 377 20.60 -19.75 23.21
CA LEU B 377 19.94 -20.91 22.60
C LEU B 377 20.93 -21.94 22.06
N GLY B 378 22.22 -21.66 22.26
CA GLY B 378 23.31 -22.57 21.90
C GLY B 378 23.55 -22.72 20.41
N SER B 379 24.16 -23.84 20.03
CA SER B 379 24.38 -24.16 18.61
C SER B 379 23.14 -24.72 17.97
N MET B 380 22.85 -24.29 16.73
CA MET B 380 21.75 -24.86 15.96
C MET B 380 22.14 -24.98 14.50
N ASP B 381 21.55 -25.94 13.80
CA ASP B 381 21.75 -26.01 12.36
C ASP B 381 20.83 -25.03 11.63
N VAL B 382 21.33 -24.50 10.52
CA VAL B 382 20.70 -23.41 9.78
C VAL B 382 19.31 -23.81 9.25
N ASN B 383 19.16 -25.07 8.87
CA ASN B 383 17.85 -25.60 8.51
C ASN B 383 16.83 -25.60 9.65
N GLU B 384 17.26 -25.93 10.86
CA GLU B 384 16.38 -25.90 12.04
C GLU B 384 15.99 -24.48 12.47
N VAL B 385 16.91 -23.52 12.31
CA VAL B 385 16.59 -22.13 12.56
C VAL B 385 15.61 -21.57 11.51
N ILE B 386 15.80 -21.96 10.24
CA ILE B 386 14.94 -21.48 9.15
C ILE B 386 13.53 -22.01 9.38
N GLU B 387 13.44 -23.29 9.76
CA GLU B 387 12.14 -23.95 10.00
C GLU B 387 11.38 -23.45 11.21
N LYS B 388 12.10 -23.32 12.34
CA LYS B 388 11.57 -22.69 13.56
C LYS B 388 10.95 -21.32 13.23
N LEU B 389 11.67 -20.49 12.47
CA LEU B 389 11.25 -19.11 12.25
C LEU B 389 10.05 -19.02 11.30
N GLN B 390 10.09 -19.81 10.22
CA GLN B 390 9.01 -19.82 9.25
C GLN B 390 7.72 -20.23 9.95
N GLN B 391 7.84 -21.14 10.91
CA GLN B 391 6.71 -21.56 11.72
C GLN B 391 6.18 -20.45 12.65
N GLU B 392 7.07 -19.72 13.32
CA GLU B 392 6.67 -18.59 14.17
C GLU B 392 6.02 -17.49 13.37
N ILE B 393 6.53 -17.25 12.16
CA ILE B 393 6.04 -16.19 11.24
C ILE B 393 4.69 -16.56 10.65
N ARG B 394 4.60 -17.77 10.15
CA ARG B 394 3.43 -18.25 9.45
C ARG B 394 2.23 -18.36 10.40
N SER B 395 2.45 -18.89 11.61
CA SER B 395 1.39 -18.95 12.62
C SER B 395 1.18 -17.63 13.38
N ARG B 396 2.09 -16.66 13.15
CA ARG B 396 2.01 -15.35 13.82
C ARG B 396 1.98 -15.46 15.35
N SER B 397 2.80 -16.33 15.91
CA SER B 397 2.80 -16.56 17.37
C SER B 397 3.26 -15.36 18.17
N LEU B 398 2.65 -15.19 19.34
CA LEU B 398 2.96 -14.09 20.26
C LEU B 398 4.28 -14.25 21.00
N LYS B 399 4.70 -15.50 21.20
CA LYS B 399 5.82 -15.80 22.08
C LYS B 399 6.99 -16.50 21.37
N GLN B 400 8.15 -16.49 22.04
CA GLN B 400 9.31 -17.34 21.72
C GLN B 400 9.94 -17.01 20.36
ZN ZN C . 12.61 13.52 -6.35
O8 1B2 D . 8.90 13.87 -9.38
C4 1B2 D . 10.03 13.81 -9.85
C3 1B2 D . 11.22 13.48 -8.98
C2 1B2 D . 11.18 11.96 -8.69
C1 1B2 D . 11.59 11.14 -9.90
O6 1B2 D . 12.02 11.65 -7.56
N7 1B2 D . 11.19 14.19 -7.70
N5 1B2 D . 10.34 13.95 -11.14
S9 1B2 D . 9.28 14.29 -12.29
O10 1B2 D . 9.89 14.39 -13.56
O11 1B2 D . 8.61 15.53 -12.05
C12 1B2 D . 8.09 13.15 -12.45
C13 1B2 D . 8.41 11.78 -12.44
C14 1B2 D . 7.45 10.79 -12.64
C15 1B2 D . 6.10 11.19 -12.78
C16 1B2 D . 5.75 12.53 -12.84
C17 1B2 D . 6.75 13.51 -12.67
C18 1B2 D . 4.32 12.90 -13.07
C19 1B2 D . 3.51 12.02 -13.83
C20 1B2 D . 2.16 12.34 -14.06
C26 1B2 D . 1.16 11.58 -14.81
N25 1B2 D . 0.08 12.38 -14.69
N24 1B2 D . 0.33 13.56 -13.93
C21 1B2 D . 1.62 13.59 -13.54
C22 1B2 D . 2.43 14.46 -12.79
C23 1B2 D . 3.78 14.09 -12.58
ZN ZN E . -17.59 5.27 6.95
O8 1B2 F . -14.56 7.32 10.03
C4 1B2 F . -15.41 6.57 10.51
C3 1B2 F . -16.26 5.71 9.63
C2 1B2 F . -15.55 4.43 9.18
C1 1B2 F . -15.66 3.35 10.27
O6 1B2 F . -16.11 3.87 7.99
N7 1B2 F . -16.81 6.46 8.50
N5 1B2 F . -15.62 6.44 11.85
S9 1B2 F . -14.76 7.19 12.96
O10 1B2 F . -15.27 6.95 14.27
O11 1B2 F . -14.86 8.62 12.73
C12 1B2 F . -13.22 6.72 12.95
C13 1B2 F . -12.82 5.37 12.74
C14 1B2 F . -11.47 5.00 12.75
C15 1B2 F . -10.48 5.95 13.01
C16 1B2 F . -10.84 7.27 13.22
C17 1B2 F . -12.19 7.67 13.21
C18 1B2 F . -9.76 8.27 13.51
C19 1B2 F . -8.61 7.92 14.23
C20 1B2 F . -7.64 8.92 14.49
C26 1B2 F . -6.37 8.83 15.14
N25 1B2 F . -5.86 10.09 15.07
N24 1B2 F . -6.74 10.96 14.38
C21 1B2 F . -7.84 10.27 14.00
C22 1B2 F . -9.01 10.58 13.33
C23 1B2 F . -9.95 9.58 13.10
#